data_5ABY
#
_entry.id   5ABY
#
_cell.length_a   91.240
_cell.length_b   157.580
_cell.length_c   55.180
_cell.angle_alpha   90.00
_cell.angle_beta   90.00
_cell.angle_gamma   90.00
#
_symmetry.space_group_name_H-M   'P 21 21 2'
#
loop_
_entity.id
_entity.type
_entity.pdbx_description
1 polymer 'EUKARYOTIC TRANSLATION INITIATION FACTOR 4E-3'
2 polymer '4E-BINDING PROTEIN MEXTLI'
3 non-polymer GLYCEROL
4 non-polymer 'MAGNESIUM ION'
5 water water
#
loop_
_entity_poly.entity_id
_entity_poly.type
_entity_poly.pdbx_seq_one_letter_code
_entity_poly.pdbx_strand_id
1 'polypeptide(L)'
;GPHMTRHPLQNRWALWYLKADRNKEWEDCLKMVSLFDTVEDFWSLYNHIQSAGGLNWGSDYYLFKEGIKPMWEDVNNVQG
GRWLVVVDKQKLQRRTQLLDHYWLELLMAIVGEQFDEYGDYICGAVVNVRQKGDKVSLWTRDATRDDVNLRIGQVLKQKL
SIPDTEILRYEVHKDSSARTSSTVKPRICL
;
A,C,E
2 'polypeptide(L)' GPHMIRYNRDTLMTARDTKRAPIPDEMLQEINRVAPDILIA B,D,F
#
# COMPACT_ATOMS: atom_id res chain seq x y z
N THR A 5 28.35 22.73 8.27
CA THR A 5 28.12 21.29 8.20
C THR A 5 26.63 20.94 8.14
N ARG A 6 26.29 19.81 7.51
CA ARG A 6 24.89 19.38 7.40
C ARG A 6 24.77 17.86 7.31
N HIS A 7 24.09 17.29 8.31
CA HIS A 7 23.75 15.90 8.34
C HIS A 7 22.23 15.80 8.38
N PRO A 8 21.59 15.57 7.22
CA PRO A 8 20.12 15.53 7.20
C PRO A 8 19.56 14.32 7.93
N LEU A 9 18.43 14.51 8.61
CA LEU A 9 17.75 13.39 9.27
C LEU A 9 16.79 12.72 8.30
N GLN A 10 16.59 11.42 8.46
CA GLN A 10 15.59 10.69 7.68
C GLN A 10 14.25 11.41 7.75
N ASN A 11 13.89 11.85 8.94
CA ASN A 11 12.61 12.47 9.16
C ASN A 11 12.76 13.87 9.71
N ARG A 12 11.73 14.68 9.50
CA ARG A 12 11.59 15.97 10.13
C ARG A 12 10.75 15.78 11.41
N TRP A 13 11.24 16.35 12.51
CA TRP A 13 10.68 16.12 13.86
C TRP A 13 10.23 17.43 14.48
N ALA A 14 9.17 17.36 15.26
CA ALA A 14 8.68 18.49 16.03
C ALA A 14 8.83 18.21 17.51
N LEU A 15 9.48 19.13 18.21
CA LEU A 15 9.51 19.11 19.68
C LEU A 15 8.35 19.91 20.23
N TRP A 16 7.57 19.29 21.11
CA TRP A 16 6.47 19.95 21.81
C TRP A 16 6.76 20.06 23.28
N TYR A 17 6.21 21.10 23.91
CA TYR A 17 6.41 21.36 25.31
C TYR A 17 5.07 21.61 25.99
N LEU A 18 4.79 20.82 27.03
CA LEU A 18 3.62 21.06 27.88
C LEU A 18 4.04 21.81 29.13
N LYS A 19 3.65 23.07 29.21
CA LYS A 19 3.95 23.88 30.38
C LYS A 19 2.97 23.55 31.50
N ALA A 20 3.47 23.12 32.65
CA ALA A 20 2.61 22.91 33.81
C ALA A 20 1.91 24.21 34.17
N ASP A 21 0.58 24.20 34.17
CA ASP A 21 -0.22 25.31 34.66
C ASP A 21 -1.47 24.75 35.30
N ARG A 22 -1.57 24.83 36.61
CA ARG A 22 -2.64 24.16 37.34
C ARG A 22 -4.02 24.69 36.96
N ASN A 23 -4.07 25.88 36.37
CA ASN A 23 -5.34 26.53 36.02
C ASN A 23 -5.87 26.22 34.62
N LYS A 24 -5.04 25.58 33.80
CA LYS A 24 -5.36 25.39 32.40
C LYS A 24 -5.42 23.91 31.99
N GLU A 25 -6.27 23.66 31.01
CA GLU A 25 -6.42 22.37 30.35
C GLU A 25 -5.22 22.01 29.51
N TRP A 26 -4.98 20.72 29.33
CA TRP A 26 -3.89 20.19 28.53
C TRP A 26 -3.68 20.92 27.22
N GLU A 27 -4.73 21.01 26.40
CA GLU A 27 -4.60 21.62 25.10
C GLU A 27 -4.15 23.06 25.16
N ASP A 28 -4.42 23.73 26.29
CA ASP A 28 -4.05 25.14 26.42
C ASP A 28 -2.66 25.35 27.03
N CYS A 29 -1.98 24.26 27.33
CA CYS A 29 -0.62 24.34 27.90
C CYS A 29 0.46 23.86 26.94
N LEU A 30 0.01 23.28 25.83
CA LEU A 30 0.90 22.63 24.89
C LEU A 30 1.35 23.60 23.81
N LYS A 31 2.64 23.54 23.49
CA LYS A 31 3.19 24.39 22.43
C LYS A 31 4.19 23.62 21.58
N MET A 32 4.10 23.84 20.27
CA MET A 32 5.07 23.28 19.34
C MET A 32 6.26 24.24 19.36
N VAL A 33 7.38 23.78 19.93
CA VAL A 33 8.55 24.65 20.16
C VAL A 33 9.36 24.87 18.89
N SER A 34 9.64 23.78 18.17
CA SER A 34 10.45 23.86 16.99
C SER A 34 10.42 22.58 16.18
N LEU A 35 10.56 22.72 14.88
CA LEU A 35 10.80 21.61 13.99
C LEU A 35 12.30 21.55 13.68
N PHE A 36 12.81 20.37 13.39
CA PHE A 36 14.21 20.25 12.95
C PHE A 36 14.39 19.03 12.06
N ASP A 37 15.40 19.05 11.19
CA ASP A 37 15.57 17.95 10.23
C ASP A 37 17.03 17.70 9.87
N THR A 38 17.91 18.18 10.74
CA THR A 38 19.33 17.89 10.66
C THR A 38 19.88 17.59 12.04
N VAL A 39 21.01 16.91 12.08
CA VAL A 39 21.72 16.61 13.32
C VAL A 39 22.10 17.91 14.03
N GLU A 40 22.59 18.87 13.25
CA GLU A 40 22.99 20.17 13.76
C GLU A 40 21.85 20.87 14.47
N ASP A 41 20.68 20.93 13.83
CA ASP A 41 19.55 21.62 14.43
C ASP A 41 19.01 20.83 15.61
N PHE A 42 19.12 19.50 15.55
CA PHE A 42 18.74 18.69 16.71
C PHE A 42 19.53 19.11 17.95
N TRP A 43 20.86 19.16 17.80
CA TRP A 43 21.70 19.50 18.93
C TRP A 43 21.58 20.98 19.32
N SER A 44 21.39 21.88 18.36
CA SER A 44 21.17 23.31 18.68
C SER A 44 19.95 23.44 19.59
N LEU A 45 18.90 22.71 19.25
CA LEU A 45 17.67 22.78 20.01
C LEU A 45 17.87 22.17 21.38
N TYR A 46 18.34 20.93 21.42
CA TYR A 46 18.53 20.26 22.67
C TYR A 46 19.48 21.06 23.58
N ASN A 47 20.48 21.68 22.98
CA ASN A 47 21.49 22.40 23.79
C ASN A 47 20.91 23.64 24.45
N HIS A 48 19.88 24.23 23.86
CA HIS A 48 19.38 25.53 24.32
C HIS A 48 18.05 25.46 25.08
N ILE A 49 17.61 24.26 25.42
CA ILE A 49 16.40 24.12 26.23
C ILE A 49 16.66 23.27 27.44
N GLN A 50 15.80 23.45 28.44
CA GLN A 50 15.88 22.71 29.67
C GLN A 50 15.86 21.22 29.38
N SER A 51 16.72 20.47 30.05
CA SER A 51 16.67 19.03 29.96
C SER A 51 15.41 18.51 30.66
N ALA A 52 15.01 17.28 30.39
CA ALA A 52 13.84 16.70 31.05
C ALA A 52 13.98 16.86 32.56
N GLY A 53 15.20 16.67 33.05
CA GLY A 53 15.49 16.72 34.46
C GLY A 53 15.43 18.12 35.06
N GLY A 54 15.40 19.15 34.22
CA GLY A 54 15.28 20.51 34.69
C GLY A 54 13.89 21.11 34.59
N LEU A 55 12.91 20.34 34.13
CA LEU A 55 11.54 20.84 34.04
C LEU A 55 10.81 20.79 35.38
N ASN A 56 9.91 21.74 35.60
CA ASN A 56 9.03 21.67 36.75
C ASN A 56 8.15 20.44 36.71
N TRP A 57 7.81 19.95 37.89
CA TRP A 57 6.88 18.85 38.03
C TRP A 57 5.62 19.19 37.25
N GLY A 58 5.11 18.21 36.50
CA GLY A 58 3.90 18.39 35.71
C GLY A 58 4.13 18.75 34.25
N SER A 59 5.39 18.96 33.88
CA SER A 59 5.70 19.34 32.52
C SER A 59 5.89 18.10 31.65
N ASP A 60 5.74 18.28 30.34
CA ASP A 60 6.03 17.22 29.36
C ASP A 60 6.88 17.76 28.22
N TYR A 61 7.71 16.89 27.65
CA TYR A 61 8.23 17.08 26.28
C TYR A 61 7.65 16.00 25.39
N TYR A 62 7.33 16.34 24.15
CA TYR A 62 6.96 15.35 23.13
C TYR A 62 7.85 15.57 21.94
N LEU A 63 8.32 14.49 21.34
CA LEU A 63 8.99 14.57 20.04
C LEU A 63 8.23 13.68 19.09
N PHE A 64 7.60 14.28 18.08
CA PHE A 64 6.83 13.52 17.10
C PHE A 64 7.20 13.91 15.69
N LYS A 65 7.08 12.94 14.76
CA LYS A 65 7.29 13.26 13.35
C LYS A 65 6.40 14.40 12.96
N GLU A 66 6.90 15.27 12.07
CA GLU A 66 6.14 16.41 11.58
C GLU A 66 4.80 15.92 11.03
N GLY A 67 3.71 16.56 11.44
CA GLY A 67 2.39 16.19 10.95
C GLY A 67 1.63 15.31 11.91
N ILE A 68 2.32 14.65 12.84
CA ILE A 68 1.66 13.85 13.85
C ILE A 68 1.44 14.68 15.10
N LYS A 69 0.19 14.86 15.46
CA LYS A 69 -0.15 15.57 16.68
C LYS A 69 0.14 14.67 17.87
N PRO A 70 0.65 15.23 18.98
CA PRO A 70 1.09 14.41 20.11
C PRO A 70 -0.07 14.01 21.01
N MET A 71 -1.00 13.28 20.41
CA MET A 71 -2.21 12.84 21.09
C MET A 71 -2.65 11.54 20.46
N TRP A 72 -3.18 10.65 21.26
CA TRP A 72 -3.43 9.32 20.79
C TRP A 72 -4.56 9.31 19.77
N GLU A 73 -5.41 10.33 19.79
CA GLU A 73 -6.54 10.41 18.85
C GLU A 73 -6.13 10.73 17.41
N ASP A 74 -4.90 11.22 17.23
CA ASP A 74 -4.35 11.48 15.90
C ASP A 74 -4.42 10.22 15.05
N VAL A 75 -4.79 10.36 13.77
CA VAL A 75 -4.90 9.21 12.88
C VAL A 75 -3.63 8.33 12.88
N ASN A 76 -2.47 8.95 13.07
CA ASN A 76 -1.23 8.18 13.10
C ASN A 76 -0.98 7.44 14.42
N ASN A 77 -1.73 7.80 15.46
CA ASN A 77 -1.56 7.16 16.78
C ASN A 77 -2.73 6.31 17.19
N VAL A 78 -3.90 6.56 16.59
CA VAL A 78 -5.14 6.00 17.10
C VAL A 78 -5.16 4.45 17.10
N GLN A 79 -4.55 3.81 16.10
CA GLN A 79 -4.51 2.34 16.07
C GLN A 79 -3.23 1.81 16.69
N GLY A 80 -2.50 2.68 17.39
CA GLY A 80 -1.20 2.34 17.92
C GLY A 80 -1.16 2.25 19.43
N GLY A 81 0.05 2.32 19.98
CA GLY A 81 0.27 2.22 21.41
C GLY A 81 1.65 2.73 21.78
N ARG A 82 2.05 2.51 23.03
CA ARG A 82 3.35 2.96 23.52
C ARG A 82 4.06 1.90 24.35
N TRP A 83 5.38 1.90 24.25
CA TRP A 83 6.22 1.25 25.25
C TRP A 83 6.37 2.26 26.37
N LEU A 84 6.12 1.85 27.62
CA LEU A 84 6.24 2.72 28.80
C LEU A 84 7.40 2.33 29.71
N VAL A 85 8.20 3.32 30.09
CA VAL A 85 9.26 3.17 31.10
C VAL A 85 8.94 4.11 32.26
N VAL A 86 8.84 3.59 33.47
CA VAL A 86 8.57 4.41 34.65
C VAL A 86 9.83 4.58 35.46
N VAL A 87 10.16 5.83 35.78
CA VAL A 87 11.35 6.12 36.54
C VAL A 87 10.93 6.53 37.95
N ASP A 88 10.83 5.57 38.87
CA ASP A 88 10.34 5.86 40.22
C ASP A 88 11.07 5.15 41.36
N LYS A 89 12.11 4.38 41.06
CA LYS A 89 12.79 3.59 42.09
C LYS A 89 13.87 4.38 42.83
N GLN A 90 14.70 5.09 42.07
CA GLN A 90 15.79 5.87 42.63
C GLN A 90 15.30 7.21 43.18
N LYS A 91 16.19 7.97 43.81
CA LYS A 91 15.82 9.21 44.48
C LYS A 91 16.70 10.37 44.09
N LEU A 92 16.15 11.57 44.27
CA LEU A 92 16.84 12.84 44.05
C LEU A 92 17.69 12.78 42.78
N GLN A 93 18.98 13.08 42.91
CA GLN A 93 19.82 13.33 41.76
C GLN A 93 20.02 12.06 40.92
N ARG A 94 20.00 10.90 41.55
CA ARG A 94 20.16 9.66 40.82
C ARG A 94 18.97 9.39 39.93
N ARG A 95 17.78 9.70 40.45
CA ARG A 95 16.57 9.55 39.64
C ARG A 95 16.58 10.55 38.49
N THR A 96 16.98 11.78 38.77
CA THR A 96 17.05 12.82 37.75
C THR A 96 18.04 12.42 36.66
N GLN A 97 19.20 11.90 37.07
CA GLN A 97 20.21 11.49 36.09
C GLN A 97 19.73 10.36 35.20
N LEU A 98 19.03 9.39 35.77
CA LEU A 98 18.48 8.30 34.98
C LEU A 98 17.41 8.78 34.01
N LEU A 99 16.57 9.70 34.47
CA LEU A 99 15.53 10.29 33.61
C LEU A 99 16.17 10.93 32.38
N ASP A 100 17.20 11.74 32.60
CA ASP A 100 17.86 12.44 31.51
C ASP A 100 18.60 11.48 30.58
N HIS A 101 19.10 10.38 31.13
CA HIS A 101 19.78 9.37 30.34
C HIS A 101 18.76 8.70 29.42
N TYR A 102 17.64 8.30 29.98
CA TYR A 102 16.59 7.65 29.18
C TYR A 102 16.07 8.57 28.07
N TRP A 103 15.75 9.82 28.41
CA TRP A 103 15.17 10.74 27.43
C TRP A 103 16.13 10.98 26.27
N LEU A 104 17.39 11.32 26.58
CA LEU A 104 18.31 11.68 25.51
C LEU A 104 18.71 10.45 24.69
N GLU A 105 18.91 9.31 25.35
CA GLU A 105 19.23 8.10 24.61
C GLU A 105 18.08 7.76 23.66
N LEU A 106 16.84 7.97 24.12
CA LEU A 106 15.66 7.68 23.32
C LEU A 106 15.62 8.62 22.14
N LEU A 107 15.85 9.91 22.39
CA LEU A 107 15.81 10.89 21.31
C LEU A 107 16.89 10.57 20.27
N MET A 108 18.08 10.20 20.72
CA MET A 108 19.15 9.87 19.76
C MET A 108 18.80 8.64 18.92
N ALA A 109 18.23 7.63 19.56
CA ALA A 109 17.84 6.41 18.87
C ALA A 109 16.77 6.67 17.81
N ILE A 110 15.86 7.59 18.12
CA ILE A 110 14.78 7.94 17.19
C ILE A 110 15.27 8.75 15.99
N VAL A 111 15.90 9.90 16.25
CA VAL A 111 16.29 10.77 15.14
C VAL A 111 17.39 10.12 14.31
N GLY A 112 18.19 9.27 14.94
CA GLY A 112 19.21 8.51 14.22
C GLY A 112 18.70 7.25 13.55
N GLU A 113 17.39 7.02 13.66
CA GLU A 113 16.72 5.90 12.98
C GLU A 113 17.32 4.55 13.35
N GLN A 114 17.38 4.26 14.65
CA GLN A 114 18.13 3.09 15.11
C GLN A 114 17.24 1.88 15.36
N PHE A 115 15.98 1.97 14.97
CA PHE A 115 15.05 0.91 15.30
C PHE A 115 14.93 -0.05 14.14
N ASP A 116 16.11 -0.52 13.72
CA ASP A 116 16.24 -1.53 12.66
C ASP A 116 15.49 -1.10 11.41
N GLU A 117 14.57 -1.93 10.92
CA GLU A 117 13.89 -1.62 9.68
C GLU A 117 12.46 -1.16 9.95
N TYR A 118 12.22 -0.64 11.16
CA TYR A 118 10.84 -0.35 11.59
C TYR A 118 10.58 1.14 11.86
N GLY A 119 11.47 2.00 11.38
CA GLY A 119 11.36 3.43 11.62
C GLY A 119 10.03 4.01 11.15
N ASP A 120 9.44 3.43 10.11
CA ASP A 120 8.15 3.93 9.61
C ASP A 120 7.06 3.77 10.67
N TYR A 121 7.29 2.86 11.62
CA TYR A 121 6.28 2.61 12.63
C TYR A 121 6.46 3.46 13.89
N ILE A 122 7.56 4.21 13.97
CA ILE A 122 7.77 5.13 15.11
C ILE A 122 6.96 6.39 14.90
N CYS A 123 6.19 6.80 15.91
CA CYS A 123 5.46 8.06 15.84
C CYS A 123 6.17 9.16 16.59
N GLY A 124 6.65 8.84 17.79
CA GLY A 124 7.22 9.86 18.65
C GLY A 124 7.60 9.34 20.01
N ALA A 125 8.08 10.25 20.85
CA ALA A 125 8.43 9.92 22.21
C ALA A 125 7.84 10.99 23.15
N VAL A 126 7.52 10.55 24.35
CA VAL A 126 6.91 11.40 25.37
C VAL A 126 7.61 11.23 26.71
N VAL A 127 7.99 12.34 27.34
CA VAL A 127 8.42 12.28 28.73
C VAL A 127 7.47 13.11 29.58
N ASN A 128 6.93 12.48 30.61
CA ASN A 128 6.10 13.16 31.60
C ASN A 128 6.93 13.30 32.86
N VAL A 129 7.18 14.54 33.28
CA VAL A 129 7.91 14.78 34.54
C VAL A 129 6.88 14.91 35.65
N ARG A 130 6.88 13.93 36.56
CA ARG A 130 5.89 13.88 37.65
C ARG A 130 6.54 13.49 38.98
N GLN A 131 6.15 14.19 40.04
CA GLN A 131 6.77 13.99 41.34
C GLN A 131 6.74 12.53 41.76
N LYS A 132 5.64 11.84 41.45
CA LYS A 132 5.43 10.45 41.85
C LYS A 132 6.19 9.41 41.02
N GLY A 133 6.78 9.85 39.92
CA GLY A 133 7.44 8.92 39.02
C GLY A 133 7.38 9.49 37.61
N ASP A 134 8.54 9.67 37.01
CA ASP A 134 8.57 10.18 35.64
C ASP A 134 8.26 9.05 34.71
N LYS A 135 7.70 9.37 33.55
CA LYS A 135 7.40 8.38 32.53
C LYS A 135 8.04 8.75 31.22
N VAL A 136 8.70 7.78 30.59
CA VAL A 136 9.29 7.95 29.28
C VAL A 136 8.64 6.89 28.40
N SER A 137 8.05 7.33 27.29
CA SER A 137 7.32 6.42 26.40
C SER A 137 7.70 6.57 24.93
N LEU A 138 7.68 5.45 24.22
CA LEU A 138 7.94 5.42 22.78
C LEU A 138 6.65 5.00 22.09
N TRP A 139 6.10 5.90 21.30
CA TRP A 139 4.82 5.68 20.65
C TRP A 139 4.97 5.07 19.25
N THR A 140 4.21 4.00 18.98
CA THR A 140 4.21 3.37 17.66
C THR A 140 2.83 3.36 17.01
N ARG A 141 2.84 3.13 15.70
CA ARG A 141 1.70 3.39 14.83
C ARG A 141 0.63 2.31 14.87
N ASP A 142 1.05 1.06 15.02
CA ASP A 142 0.15 -0.06 14.79
C ASP A 142 0.25 -1.09 15.89
N ALA A 143 -0.75 -1.09 16.77
CA ALA A 143 -0.73 -2.00 17.90
C ALA A 143 -0.98 -3.47 17.52
N THR A 144 -1.38 -3.74 16.28
CA THR A 144 -1.60 -5.14 15.84
C THR A 144 -0.31 -5.81 15.38
N ARG A 145 0.74 -5.01 15.15
CA ARG A 145 2.02 -5.55 14.67
C ARG A 145 2.96 -5.96 15.80
N ASP A 146 2.73 -7.13 16.38
CA ASP A 146 3.56 -7.62 17.49
C ASP A 146 5.01 -7.77 17.10
N ASP A 147 5.24 -8.17 15.85
CA ASP A 147 6.60 -8.32 15.35
C ASP A 147 7.38 -7.00 15.39
N VAL A 148 6.71 -5.94 14.96
CA VAL A 148 7.28 -4.58 14.96
C VAL A 148 7.53 -4.10 16.39
N ASN A 149 6.48 -4.15 17.21
CA ASN A 149 6.54 -3.56 18.53
C ASN A 149 7.49 -4.33 19.45
N LEU A 150 7.51 -5.65 19.33
CA LEU A 150 8.47 -6.44 20.08
C LEU A 150 9.91 -6.05 19.75
N ARG A 151 10.24 -5.98 18.47
CA ARG A 151 11.60 -5.61 18.09
C ARG A 151 11.94 -4.18 18.56
N ILE A 152 10.98 -3.28 18.43
CA ILE A 152 11.18 -1.90 18.87
C ILE A 152 11.44 -1.84 20.36
N GLY A 153 10.67 -2.59 21.14
CA GLY A 153 10.90 -2.70 22.58
C GLY A 153 12.26 -3.24 22.95
N GLN A 154 12.74 -4.22 22.21
CA GLN A 154 14.06 -4.80 22.45
C GLN A 154 15.16 -3.77 22.22
N VAL A 155 15.05 -3.01 21.14
CA VAL A 155 16.02 -1.96 20.85
C VAL A 155 15.94 -0.91 21.94
N LEU A 156 14.72 -0.55 22.33
CA LEU A 156 14.52 0.45 23.35
C LEU A 156 15.28 0.07 24.63
N LYS A 157 15.10 -1.17 25.07
CA LYS A 157 15.72 -1.63 26.30
C LYS A 157 17.22 -1.69 26.16
N GLN A 158 17.69 -2.08 24.98
CA GLN A 158 19.12 -2.13 24.71
C GLN A 158 19.73 -0.72 24.75
N LYS A 159 19.12 0.22 24.04
CA LYS A 159 19.65 1.58 23.94
C LYS A 159 19.65 2.30 25.30
N LEU A 160 18.63 2.06 26.11
CA LEU A 160 18.49 2.74 27.39
C LEU A 160 19.08 1.93 28.55
N SER A 161 19.70 0.80 28.23
CA SER A 161 20.25 -0.13 29.24
C SER A 161 19.25 -0.42 30.34
N ILE A 162 18.04 -0.76 29.94
CA ILE A 162 17.01 -1.12 30.90
C ILE A 162 17.22 -2.60 31.23
N PRO A 163 17.36 -2.93 32.53
CA PRO A 163 17.70 -4.31 32.89
C PRO A 163 16.61 -5.31 32.53
N ASP A 164 17.00 -6.55 32.26
CA ASP A 164 16.05 -7.62 32.01
C ASP A 164 15.05 -7.74 33.17
N THR A 165 15.47 -7.31 34.37
CA THR A 165 14.61 -7.38 35.55
C THR A 165 13.37 -6.50 35.40
N GLU A 166 13.58 -5.25 34.99
CA GLU A 166 12.47 -4.31 34.84
C GLU A 166 11.66 -4.66 33.60
N ILE A 167 10.36 -4.88 33.77
CA ILE A 167 9.52 -5.32 32.67
C ILE A 167 8.76 -4.14 32.10
N LEU A 168 9.01 -3.87 30.83
CA LEU A 168 8.33 -2.79 30.12
C LEU A 168 6.99 -3.25 29.60
N ARG A 169 6.05 -2.32 29.60
CA ARG A 169 4.70 -2.57 29.17
C ARG A 169 4.45 -1.90 27.83
N TYR A 170 3.90 -2.63 26.87
CA TYR A 170 3.34 -2.01 25.68
C TYR A 170 1.84 -1.90 25.83
N GLU A 171 1.34 -0.68 25.92
CA GLU A 171 -0.07 -0.41 26.09
C GLU A 171 -0.64 0.11 24.81
N VAL A 172 -1.81 -0.42 24.47
CA VAL A 172 -2.60 0.05 23.34
C VAL A 172 -3.38 1.29 23.74
N HIS A 173 -3.23 2.37 22.95
CA HIS A 173 -3.88 3.64 23.24
C HIS A 173 -5.40 3.50 23.43
N LYS A 174 -6.03 2.78 22.49
CA LYS A 174 -7.49 2.61 22.48
C LYS A 174 -8.02 2.06 23.80
N ASP A 175 -7.31 1.07 24.33
CA ASP A 175 -7.71 0.41 25.57
C ASP A 175 -7.63 1.34 26.78
N SER A 176 -6.93 2.46 26.63
CA SER A 176 -6.76 3.42 27.71
C SER A 176 -7.96 4.35 27.85
N SER A 177 -8.89 4.28 26.90
CA SER A 177 -10.09 5.13 26.91
C SER A 177 -11.32 4.33 27.35
N LYS A 185 -4.15 -3.32 31.18
CA LYS A 185 -3.59 -4.64 30.88
C LYS A 185 -2.72 -4.61 29.62
N PRO A 186 -1.39 -4.79 29.77
CA PRO A 186 -0.49 -4.60 28.62
C PRO A 186 -0.62 -5.67 27.55
N ARG A 187 -0.52 -5.27 26.29
CA ARG A 187 -0.55 -6.22 25.17
C ARG A 187 0.75 -7.00 25.06
N ILE A 188 1.86 -6.34 25.38
CA ILE A 188 3.17 -6.98 25.43
C ILE A 188 3.89 -6.57 26.69
N CYS A 189 4.60 -7.53 27.28
CA CYS A 189 5.51 -7.24 28.38
C CYS A 189 6.91 -7.70 27.98
N LEU A 190 7.91 -6.95 28.40
CA LEU A 190 9.27 -7.25 28.02
C LEU A 190 10.22 -6.98 29.18
N HIS B 3 18.06 4.15 0.91
CA HIS B 3 16.85 4.91 1.23
C HIS B 3 16.79 5.31 2.71
N MET B 4 17.59 4.65 3.54
CA MET B 4 17.58 4.88 4.99
C MET B 4 18.78 5.71 5.45
N ILE B 5 18.52 6.82 6.12
CA ILE B 5 19.56 7.67 6.68
C ILE B 5 19.62 7.45 8.19
N ARG B 6 20.74 6.92 8.66
CA ARG B 6 20.89 6.55 10.05
C ARG B 6 22.14 7.20 10.63
N TYR B 7 22.09 7.47 11.93
CA TYR B 7 23.22 7.99 12.67
C TYR B 7 23.26 7.27 13.99
N ASN B 8 24.34 6.55 14.24
CA ASN B 8 24.43 5.82 15.48
C ASN B 8 24.82 6.78 16.62
N ARG B 9 24.79 6.24 17.84
CA ARG B 9 25.07 7.03 19.02
C ARG B 9 26.41 7.77 18.98
N ASP B 10 27.49 7.06 18.68
CA ASP B 10 28.81 7.69 18.65
C ASP B 10 28.87 8.84 17.65
N THR B 11 28.23 8.67 16.48
CA THR B 11 28.24 9.71 15.45
C THR B 11 27.50 10.97 15.92
N LEU B 12 26.36 10.78 16.58
CA LEU B 12 25.56 11.90 17.06
C LEU B 12 26.28 12.61 18.19
N MET B 13 26.86 11.84 19.10
CA MET B 13 27.54 12.44 20.25
C MET B 13 28.80 13.17 19.81
N THR B 14 29.52 12.60 18.86
CA THR B 14 30.71 13.26 18.34
C THR B 14 30.31 14.59 17.68
N ALA B 15 29.19 14.60 16.98
CA ALA B 15 28.71 15.83 16.33
C ALA B 15 28.34 16.89 17.37
N ARG B 16 27.88 16.46 18.55
CA ARG B 16 27.56 17.41 19.60
C ARG B 16 28.85 17.94 20.23
N ASP B 17 29.80 17.04 20.46
CA ASP B 17 31.01 17.40 21.18
C ASP B 17 31.90 18.33 20.36
N THR B 18 31.81 18.25 19.05
CA THR B 18 32.66 19.05 18.17
C THR B 18 31.90 20.17 17.49
N LYS B 19 30.65 20.38 17.90
CA LYS B 19 29.83 21.47 17.35
C LYS B 19 30.35 22.83 17.77
N ARG B 20 30.45 23.75 16.83
CA ARG B 20 30.89 25.10 17.14
C ARG B 20 29.89 26.13 16.59
N ALA B 21 29.18 25.78 15.53
CA ALA B 21 28.16 26.66 14.95
C ALA B 21 27.12 27.04 16.00
N PRO B 22 26.64 28.28 15.96
CA PRO B 22 25.62 28.65 16.96
C PRO B 22 24.22 28.26 16.53
N ILE B 23 23.27 28.33 17.46
CA ILE B 23 21.87 28.06 17.17
C ILE B 23 21.36 29.04 16.10
N PRO B 24 20.67 28.53 15.06
CA PRO B 24 20.09 29.48 14.10
C PRO B 24 19.17 30.47 14.78
N ASP B 25 19.24 31.72 14.34
CA ASP B 25 18.53 32.79 15.02
C ASP B 25 17.01 32.56 14.94
N GLU B 26 16.55 31.97 13.85
CA GLU B 26 15.11 31.72 13.70
C GLU B 26 14.63 30.76 14.79
N MET B 27 15.43 29.74 15.08
CA MET B 27 15.10 28.78 16.11
C MET B 27 15.07 29.48 17.46
N LEU B 28 16.11 30.23 17.78
CA LEU B 28 16.17 30.93 19.04
C LEU B 28 14.95 31.84 19.23
N GLN B 29 14.56 32.57 18.19
CA GLN B 29 13.45 33.49 18.31
C GLN B 29 12.15 32.73 18.48
N GLU B 30 12.00 31.59 17.81
CA GLU B 30 10.80 30.78 17.98
C GLU B 30 10.69 30.23 19.42
N ILE B 31 11.81 29.76 19.97
CA ILE B 31 11.81 29.27 21.35
C ILE B 31 11.42 30.39 22.31
N ASN B 32 12.01 31.56 22.11
CA ASN B 32 11.68 32.73 22.92
C ASN B 32 10.22 33.12 22.78
N ARG B 33 9.66 33.00 21.57
CA ARG B 33 8.28 33.37 21.34
C ARG B 33 7.30 32.45 22.05
N VAL B 34 7.47 31.14 21.89
CA VAL B 34 6.46 30.19 22.35
C VAL B 34 6.83 29.53 23.69
N ALA B 35 8.10 29.50 24.05
CA ALA B 35 8.50 28.82 25.29
C ALA B 35 9.71 29.45 25.95
N PRO B 36 9.62 30.75 26.27
CA PRO B 36 10.78 31.45 26.82
C PRO B 36 11.29 30.80 28.10
N ASP B 37 10.39 30.21 28.86
CA ASP B 37 10.73 29.65 30.17
C ASP B 37 11.65 28.41 30.17
N ILE B 38 11.83 27.76 29.02
CA ILE B 38 12.69 26.57 28.95
C ILE B 38 14.02 26.92 28.28
N LEU B 39 14.12 28.14 27.77
CA LEU B 39 15.32 28.59 27.07
C LEU B 39 16.52 28.64 27.99
N ILE B 40 17.60 28.01 27.53
CA ILE B 40 18.90 28.08 28.20
C ILE B 40 19.91 28.72 27.25
N ALA B 41 20.67 29.69 27.75
CA ALA B 41 21.76 30.28 26.97
C ALA B 41 22.86 30.81 27.88
N MET C 4 -4.83 5.61 -4.87
CA MET C 4 -4.43 6.12 -6.18
C MET C 4 -3.22 5.35 -6.71
N THR C 5 -2.44 4.76 -5.80
CA THR C 5 -1.28 3.98 -6.20
C THR C 5 -1.71 2.55 -6.57
N ARG C 6 -1.06 1.98 -7.60
CA ARG C 6 -1.45 0.67 -8.11
C ARG C 6 -0.26 -0.14 -8.61
N HIS C 7 -0.01 -1.27 -7.97
CA HIS C 7 0.95 -2.26 -8.48
C HIS C 7 0.21 -3.58 -8.79
N PRO C 8 -0.16 -3.79 -10.05
CA PRO C 8 -0.87 -5.02 -10.46
C PRO C 8 -0.01 -6.26 -10.28
N LEU C 9 -0.61 -7.35 -9.82
CA LEU C 9 0.07 -8.64 -9.74
C LEU C 9 -0.08 -9.37 -11.06
N GLN C 10 0.92 -10.18 -11.39
CA GLN C 10 0.84 -11.01 -12.60
C GLN C 10 -0.38 -11.90 -12.57
N ASN C 11 -0.70 -12.41 -11.39
CA ASN C 11 -1.86 -13.29 -11.24
C ASN C 11 -2.86 -12.74 -10.26
N ARG C 12 -4.09 -13.22 -10.40
CA ARG C 12 -5.15 -12.96 -9.45
C ARG C 12 -5.22 -14.15 -8.48
N TRP C 13 -5.23 -13.82 -7.20
CA TRP C 13 -5.10 -14.78 -6.09
C TRP C 13 -6.34 -14.78 -5.21
N ALA C 14 -6.68 -15.95 -4.70
CA ALA C 14 -7.80 -16.07 -3.77
C ALA C 14 -7.28 -16.59 -2.44
N LEU C 15 -7.58 -15.85 -1.38
CA LEU C 15 -7.30 -16.33 -0.03
C LEU C 15 -8.50 -17.11 0.50
N TRP C 16 -8.24 -18.36 0.87
CA TRP C 16 -9.26 -19.21 1.47
C TRP C 16 -8.97 -19.41 2.95
N TYR C 17 -10.04 -19.57 3.73
CA TYR C 17 -9.94 -19.88 5.15
C TYR C 17 -10.73 -21.13 5.47
N LEU C 18 -10.10 -22.04 6.19
CA LEU C 18 -10.79 -23.21 6.73
C LEU C 18 -10.98 -23.00 8.22
N LYS C 19 -12.22 -22.74 8.63
CA LYS C 19 -12.52 -22.52 10.03
C LYS C 19 -12.49 -23.83 10.80
N ALA C 20 -11.88 -23.80 11.97
CA ALA C 20 -11.99 -24.93 12.88
C ALA C 20 -13.38 -24.86 13.51
N ASP C 21 -14.23 -25.80 13.15
CA ASP C 21 -15.60 -25.83 13.66
C ASP C 21 -16.00 -27.29 13.82
N ARG C 22 -16.25 -27.69 15.06
CA ARG C 22 -16.34 -29.10 15.40
C ARG C 22 -17.65 -29.70 14.90
N ASN C 23 -18.59 -28.83 14.55
CA ASN C 23 -19.90 -29.26 14.06
C ASN C 23 -20.03 -29.34 12.55
N LYS C 24 -18.98 -28.97 11.83
CA LYS C 24 -19.06 -28.90 10.35
C LYS C 24 -17.96 -29.69 9.65
N GLU C 25 -18.35 -30.28 8.52
CA GLU C 25 -17.42 -31.00 7.67
C GLU C 25 -16.58 -29.96 6.90
N TRP C 26 -15.44 -30.40 6.40
CA TRP C 26 -14.47 -29.51 5.74
C TRP C 26 -15.13 -28.60 4.70
N GLU C 27 -15.98 -29.18 3.85
CA GLU C 27 -16.71 -28.42 2.80
C GLU C 27 -17.48 -27.22 3.32
N ASP C 28 -18.06 -27.36 4.50
CA ASP C 28 -18.89 -26.32 5.10
C ASP C 28 -18.06 -25.34 5.96
N CYS C 29 -16.81 -25.69 6.24
CA CYS C 29 -15.89 -24.79 6.98
C CYS C 29 -15.05 -23.89 6.05
N LEU C 30 -14.99 -24.28 4.78
CA LEU C 30 -14.14 -23.63 3.80
C LEU C 30 -14.81 -22.39 3.26
N LYS C 31 -14.11 -21.26 3.35
CA LYS C 31 -14.64 -19.98 2.90
C LYS C 31 -13.62 -19.27 2.04
N MET C 32 -14.09 -18.74 0.92
CA MET C 32 -13.26 -17.92 0.05
C MET C 32 -13.31 -16.51 0.59
N VAL C 33 -12.24 -16.06 1.24
CA VAL C 33 -12.27 -14.82 1.98
C VAL C 33 -12.21 -13.62 1.05
N SER C 34 -11.32 -13.67 0.07
CA SER C 34 -11.11 -12.52 -0.80
C SER C 34 -10.24 -12.87 -2.00
N LEU C 35 -10.55 -12.23 -3.10
CA LEU C 35 -9.68 -12.21 -4.28
C LEU C 35 -8.89 -10.91 -4.26
N PHE C 36 -7.69 -10.93 -4.81
CA PHE C 36 -6.95 -9.69 -4.97
C PHE C 36 -5.97 -9.81 -6.14
N ASP C 37 -5.60 -8.69 -6.72
CA ASP C 37 -4.69 -8.71 -7.88
C ASP C 37 -3.84 -7.46 -7.94
N THR C 38 -3.64 -6.83 -6.79
CA THR C 38 -2.65 -5.76 -6.67
C THR C 38 -1.90 -5.90 -5.35
N VAL C 39 -0.71 -5.33 -5.29
CA VAL C 39 0.05 -5.27 -4.06
C VAL C 39 -0.74 -4.57 -2.96
N GLU C 40 -1.44 -3.50 -3.34
CA GLU C 40 -2.22 -2.70 -2.41
C GLU C 40 -3.29 -3.54 -1.72
N ASP C 41 -4.02 -4.32 -2.50
CA ASP C 41 -5.09 -5.12 -1.95
C ASP C 41 -4.52 -6.34 -1.20
N PHE C 42 -3.37 -6.84 -1.65
CA PHE C 42 -2.71 -7.91 -0.91
C PHE C 42 -2.46 -7.48 0.53
N TRP C 43 -1.84 -6.32 0.71
CA TRP C 43 -1.54 -5.84 2.05
C TRP C 43 -2.78 -5.41 2.85
N SER C 44 -3.80 -4.87 2.19
CA SER C 44 -5.02 -4.50 2.90
C SER C 44 -5.64 -5.75 3.52
N LEU C 45 -5.70 -6.80 2.72
CA LEU C 45 -6.22 -8.08 3.19
C LEU C 45 -5.36 -8.65 4.33
N TYR C 46 -4.07 -8.76 4.08
CA TYR C 46 -3.19 -9.38 5.05
C TYR C 46 -3.17 -8.60 6.37
N ASN C 47 -3.15 -7.28 6.29
CA ASN C 47 -3.10 -6.43 7.50
C ASN C 47 -4.34 -6.56 8.38
N HIS C 48 -5.47 -6.96 7.79
CA HIS C 48 -6.76 -6.94 8.50
C HIS C 48 -7.31 -8.32 8.84
N ILE C 49 -6.50 -9.35 8.69
CA ILE C 49 -6.93 -10.67 9.13
C ILE C 49 -5.91 -11.26 10.06
N GLN C 50 -6.34 -12.24 10.85
CA GLN C 50 -5.48 -12.93 11.80
C GLN C 50 -4.28 -13.52 11.08
N SER C 51 -3.12 -13.36 11.69
CA SER C 51 -1.93 -14.02 11.20
C SER C 51 -2.11 -15.53 11.38
N ALA C 52 -1.31 -16.32 10.68
CA ALA C 52 -1.42 -17.77 10.81
C ALA C 52 -1.18 -18.15 12.26
N GLY C 53 -0.25 -17.45 12.90
CA GLY C 53 0.06 -17.70 14.30
C GLY C 53 -1.03 -17.30 15.29
N GLY C 54 -2.11 -16.70 14.80
CA GLY C 54 -3.24 -16.32 15.66
C GLY C 54 -4.47 -17.19 15.47
N LEU C 55 -4.39 -18.16 14.57
CA LEU C 55 -5.52 -19.04 14.30
C LEU C 55 -5.57 -20.16 15.32
N ASN C 56 -6.79 -20.62 15.63
CA ASN C 56 -7.00 -21.82 16.43
C ASN C 56 -6.50 -23.10 15.75
N TRP C 57 -6.10 -24.08 16.58
CA TRP C 57 -5.75 -25.41 16.11
C TRP C 57 -6.82 -25.95 15.17
N GLY C 58 -6.40 -26.59 14.08
CA GLY C 58 -7.33 -27.18 13.12
C GLY C 58 -7.71 -26.24 11.99
N SER C 59 -7.32 -24.97 12.10
CA SER C 59 -7.57 -23.97 11.05
C SER C 59 -6.52 -24.04 9.95
N ASP C 60 -6.92 -23.67 8.74
CA ASP C 60 -5.98 -23.48 7.63
C ASP C 60 -6.20 -22.12 6.96
N TYR C 61 -5.15 -21.65 6.29
CA TYR C 61 -5.26 -20.65 5.23
C TYR C 61 -4.76 -21.28 3.95
N TYR C 62 -5.36 -20.89 2.83
CA TYR C 62 -4.90 -21.32 1.52
C TYR C 62 -4.84 -20.10 0.64
N LEU C 63 -3.78 -19.99 -0.15
CA LEU C 63 -3.71 -18.95 -1.18
C LEU C 63 -3.53 -19.65 -2.50
N PHE C 64 -4.51 -19.54 -3.40
CA PHE C 64 -4.45 -20.22 -4.69
C PHE C 64 -4.82 -19.29 -5.82
N LYS C 65 -4.24 -19.55 -7.00
CA LYS C 65 -4.58 -18.76 -8.17
C LYS C 65 -6.08 -18.83 -8.38
N GLU C 66 -6.68 -17.71 -8.77
CA GLU C 66 -8.09 -17.70 -9.09
C GLU C 66 -8.42 -18.88 -10.00
N GLY C 67 -9.49 -19.58 -9.69
CA GLY C 67 -9.93 -20.70 -10.51
C GLY C 67 -9.43 -22.04 -10.01
N ILE C 68 -8.43 -22.04 -9.11
CA ILE C 68 -7.96 -23.29 -8.53
C ILE C 68 -8.56 -23.51 -7.14
N LYS C 69 -9.29 -24.60 -6.96
CA LYS C 69 -9.81 -24.92 -5.65
C LYS C 69 -8.69 -25.47 -4.78
N PRO C 70 -8.70 -25.14 -3.48
CA PRO C 70 -7.64 -25.58 -2.57
C PRO C 70 -7.81 -27.03 -2.16
N MET C 71 -7.75 -27.93 -3.13
CA MET C 71 -7.82 -29.35 -2.85
C MET C 71 -7.06 -30.12 -3.92
N TRP C 72 -6.46 -31.23 -3.51
CA TRP C 72 -5.52 -31.88 -4.40
C TRP C 72 -6.24 -32.51 -5.58
N GLU C 73 -7.53 -32.80 -5.43
CA GLU C 73 -8.31 -33.41 -6.52
C GLU C 73 -8.63 -32.43 -7.65
N ASP C 74 -8.51 -31.13 -7.39
CA ASP C 74 -8.71 -30.10 -8.42
C ASP C 74 -7.80 -30.42 -9.61
N VAL C 75 -8.31 -30.19 -10.82
CA VAL C 75 -7.60 -30.61 -12.02
C VAL C 75 -6.20 -29.97 -12.10
N ASN C 76 -6.08 -28.75 -11.59
CA ASN C 76 -4.79 -28.07 -11.58
C ASN C 76 -3.78 -28.63 -10.59
N ASN C 77 -4.26 -29.36 -9.58
CA ASN C 77 -3.42 -29.94 -8.53
C ASN C 77 -3.21 -31.45 -8.66
N VAL C 78 -4.14 -32.15 -9.30
CA VAL C 78 -4.22 -33.61 -9.18
C VAL C 78 -2.96 -34.33 -9.68
N GLN C 79 -2.29 -33.77 -10.67
CA GLN C 79 -1.03 -34.32 -11.14
C GLN C 79 0.20 -33.69 -10.45
N GLY C 80 -0.05 -32.89 -9.43
CA GLY C 80 1.01 -32.14 -8.78
C GLY C 80 1.37 -32.64 -7.40
N GLY C 81 1.95 -31.75 -6.62
CA GLY C 81 2.43 -32.09 -5.30
C GLY C 81 2.81 -30.83 -4.55
N ARG C 82 3.48 -31.01 -3.42
CA ARG C 82 3.79 -29.90 -2.54
C ARG C 82 5.18 -30.03 -1.95
N TRP C 83 5.82 -28.88 -1.76
CA TRP C 83 6.98 -28.78 -0.90
C TRP C 83 6.46 -28.52 0.49
N LEU C 84 6.92 -29.28 1.46
CA LEU C 84 6.39 -29.19 2.83
C LEU C 84 7.49 -28.79 3.80
N VAL C 85 7.16 -27.83 4.66
CA VAL C 85 7.97 -27.40 5.78
C VAL C 85 7.14 -27.64 7.01
N VAL C 86 7.72 -28.30 8.03
CA VAL C 86 7.03 -28.52 9.29
C VAL C 86 7.64 -27.57 10.32
N VAL C 87 6.78 -26.81 10.98
CA VAL C 87 7.20 -25.85 11.98
C VAL C 87 6.92 -26.44 13.36
N ASP C 88 7.96 -26.93 14.01
CA ASP C 88 7.76 -27.68 15.25
C ASP C 88 8.85 -27.39 16.28
N LYS C 89 9.39 -26.18 16.25
CA LYS C 89 10.30 -25.67 17.28
C LYS C 89 9.78 -26.00 18.68
N GLN C 90 10.67 -26.40 19.57
CA GLN C 90 10.28 -26.80 20.92
C GLN C 90 9.88 -25.59 21.74
N LYS C 91 10.53 -24.46 21.49
CA LYS C 91 10.16 -23.23 22.16
C LYS C 91 8.95 -22.68 21.44
N LEU C 92 7.83 -22.62 22.15
CA LEU C 92 6.53 -22.42 21.50
C LEU C 92 6.39 -21.02 20.93
N GLN C 93 6.90 -20.00 21.60
CA GLN C 93 6.76 -18.64 21.08
C GLN C 93 7.60 -18.43 19.84
N ARG C 94 8.73 -19.11 19.79
CA ARG C 94 9.59 -19.11 18.63
C ARG C 94 8.88 -19.84 17.49
N ARG C 95 8.18 -20.92 17.85
CA ARG C 95 7.47 -21.69 16.82
C ARG C 95 6.43 -20.81 16.13
N THR C 96 5.70 -20.04 16.94
CA THR C 96 4.68 -19.13 16.43
C THR C 96 5.33 -18.05 15.55
N GLN C 97 6.47 -17.52 16.01
CA GLN C 97 7.17 -16.49 15.26
C GLN C 97 7.66 -17.03 13.92
N LEU C 98 8.16 -18.26 13.93
CA LEU C 98 8.68 -18.87 12.73
C LEU C 98 7.53 -19.21 11.76
N LEU C 99 6.39 -19.63 12.30
CA LEU C 99 5.21 -19.93 11.49
C LEU C 99 4.79 -18.69 10.72
N ASP C 100 4.67 -17.56 11.40
CA ASP C 100 4.26 -16.33 10.76
C ASP C 100 5.29 -15.85 9.74
N HIS C 101 6.57 -16.04 10.06
CA HIS C 101 7.64 -15.68 9.14
C HIS C 101 7.56 -16.49 7.83
N TYR C 102 7.47 -17.82 7.95
CA TYR C 102 7.37 -18.66 6.78
C TYR C 102 6.15 -18.34 5.94
N TRP C 103 4.99 -18.15 6.59
CA TRP C 103 3.76 -17.94 5.84
C TRP C 103 3.84 -16.66 5.03
N LEU C 104 4.21 -15.56 5.68
CA LEU C 104 4.25 -14.30 4.97
C LEU C 104 5.37 -14.21 3.94
N GLU C 105 6.55 -14.80 4.23
CA GLU C 105 7.60 -14.77 3.23
C GLU C 105 7.17 -15.60 2.02
N LEU C 106 6.44 -16.69 2.27
CA LEU C 106 5.94 -17.51 1.15
C LEU C 106 4.91 -16.77 0.32
N LEU C 107 3.94 -16.12 0.98
CA LEU C 107 2.99 -15.30 0.26
C LEU C 107 3.68 -14.21 -0.59
N MET C 108 4.66 -13.52 -0.01
CA MET C 108 5.32 -12.46 -0.76
C MET C 108 6.06 -13.01 -1.96
N ALA C 109 6.70 -14.17 -1.82
CA ALA C 109 7.43 -14.81 -2.91
C ALA C 109 6.49 -15.25 -4.02
N ILE C 110 5.30 -15.71 -3.62
CA ILE C 110 4.34 -16.18 -4.59
C ILE C 110 3.72 -15.02 -5.36
N VAL C 111 3.18 -14.03 -4.64
CA VAL C 111 2.45 -12.98 -5.33
C VAL C 111 3.41 -12.08 -6.10
N GLY C 112 4.65 -12.01 -5.61
CA GLY C 112 5.68 -11.23 -6.26
C GLY C 112 6.36 -11.99 -7.39
N GLU C 113 5.88 -13.19 -7.67
CA GLU C 113 6.37 -14.05 -8.77
C GLU C 113 7.89 -14.24 -8.73
N GLN C 114 8.39 -14.73 -7.60
CA GLN C 114 9.82 -14.79 -7.36
C GLN C 114 10.47 -16.14 -7.68
N PHE C 115 9.70 -17.08 -8.22
CA PHE C 115 10.21 -18.41 -8.49
C PHE C 115 10.77 -18.52 -9.90
N ASP C 116 11.80 -17.72 -10.13
CA ASP C 116 12.43 -17.59 -11.44
C ASP C 116 11.34 -17.46 -12.48
N GLU C 117 11.36 -18.28 -13.53
CA GLU C 117 10.35 -18.20 -14.56
C GLU C 117 9.41 -19.40 -14.48
N TYR C 118 9.34 -20.03 -13.32
CA TYR C 118 8.48 -21.20 -13.12
C TYR C 118 7.15 -20.86 -12.46
N GLY C 119 6.84 -19.57 -12.39
CA GLY C 119 5.57 -19.09 -11.84
C GLY C 119 4.33 -19.79 -12.35
N ASP C 120 4.36 -20.29 -13.58
CA ASP C 120 3.23 -20.99 -14.18
C ASP C 120 2.97 -22.34 -13.50
N TYR C 121 3.99 -22.89 -12.85
CA TYR C 121 3.86 -24.18 -12.19
C TYR C 121 3.43 -24.05 -10.72
N ILE C 122 3.36 -22.83 -10.23
CA ILE C 122 2.89 -22.58 -8.87
C ILE C 122 1.35 -22.56 -8.84
N CYS C 123 0.75 -23.43 -8.03
CA CYS C 123 -0.70 -23.40 -7.81
C CYS C 123 -1.14 -22.54 -6.62
N GLY C 124 -0.46 -22.70 -5.49
CA GLY C 124 -0.82 -21.94 -4.30
C GLY C 124 -0.01 -22.37 -3.11
N ALA C 125 -0.39 -21.88 -1.94
CA ALA C 125 0.29 -22.22 -0.70
C ALA C 125 -0.74 -22.55 0.36
N VAL C 126 -0.34 -23.39 1.31
CA VAL C 126 -1.23 -23.85 2.36
C VAL C 126 -0.53 -23.76 3.73
N VAL C 127 -1.20 -23.18 4.71
CA VAL C 127 -0.73 -23.32 6.08
C VAL C 127 -1.77 -24.06 6.90
N ASN C 128 -1.35 -25.18 7.50
CA ASN C 128 -2.18 -25.97 8.41
C ASN C 128 -1.69 -25.70 9.83
N VAL C 129 -2.55 -25.10 10.66
CA VAL C 129 -2.20 -24.81 12.05
C VAL C 129 -2.58 -26.02 12.90
N ARG C 130 -1.56 -26.70 13.43
CA ARG C 130 -1.75 -27.98 14.14
C ARG C 130 -0.89 -28.11 15.39
N GLN C 131 -1.49 -28.57 16.48
CA GLN C 131 -0.79 -28.66 17.77
C GLN C 131 0.55 -29.42 17.70
N LYS C 132 0.58 -30.53 16.98
CA LYS C 132 1.81 -31.34 16.88
C LYS C 132 2.87 -30.71 15.96
N GLY C 133 2.51 -29.66 15.23
CA GLY C 133 3.46 -29.00 14.36
C GLY C 133 2.75 -28.43 13.16
N ASP C 134 2.96 -27.15 12.91
CA ASP C 134 2.26 -26.51 11.81
C ASP C 134 2.94 -26.90 10.51
N LYS C 135 2.16 -26.91 9.44
CA LYS C 135 2.69 -27.27 8.13
C LYS C 135 2.51 -26.09 7.21
N VAL C 136 3.57 -25.73 6.52
CA VAL C 136 3.52 -24.68 5.51
C VAL C 136 3.95 -25.33 4.21
N SER C 137 3.10 -25.24 3.19
CA SER C 137 3.33 -25.98 1.95
C SER C 137 3.14 -25.13 0.70
N LEU C 138 3.94 -25.43 -0.32
CA LEU C 138 3.88 -24.75 -1.60
C LEU C 138 3.49 -25.79 -2.64
N TRP C 139 2.33 -25.58 -3.24
CA TRP C 139 1.74 -26.52 -4.17
C TRP C 139 2.12 -26.23 -5.60
N THR C 140 2.62 -27.25 -6.29
CA THR C 140 3.00 -27.09 -7.70
C THR C 140 2.19 -28.01 -8.59
N ARG C 141 2.28 -27.76 -9.89
CA ARG C 141 1.31 -28.25 -10.85
C ARG C 141 1.60 -29.65 -11.35
N ASP C 142 2.90 -29.98 -11.47
CA ASP C 142 3.32 -31.20 -12.16
C ASP C 142 4.39 -31.93 -11.37
N ALA C 143 4.01 -33.04 -10.74
CA ALA C 143 4.92 -33.73 -9.85
C ALA C 143 6.05 -34.47 -10.58
N THR C 144 6.03 -34.49 -11.91
CA THR C 144 7.01 -35.26 -12.67
C THR C 144 8.14 -34.39 -13.22
N ARG C 145 8.02 -33.07 -13.07
CA ARG C 145 9.06 -32.16 -13.53
C ARG C 145 10.05 -31.82 -12.39
N ASP C 146 10.97 -32.74 -12.14
CA ASP C 146 11.92 -32.60 -11.04
C ASP C 146 12.76 -31.35 -11.14
N ASP C 147 13.19 -30.98 -12.34
CA ASP C 147 14.03 -29.80 -12.49
C ASP C 147 13.25 -28.55 -12.05
N VAL C 148 11.99 -28.48 -12.47
CA VAL C 148 11.13 -27.37 -12.11
C VAL C 148 10.92 -27.33 -10.59
N ASN C 149 10.53 -28.48 -10.03
CA ASN C 149 10.21 -28.51 -8.61
C ASN C 149 11.43 -28.28 -7.73
N LEU C 150 12.56 -28.86 -8.13
CA LEU C 150 13.81 -28.62 -7.43
C LEU C 150 14.15 -27.13 -7.35
N ARG C 151 14.09 -26.42 -8.48
CA ARG C 151 14.43 -25.01 -8.47
C ARG C 151 13.42 -24.20 -7.63
N ILE C 152 12.14 -24.57 -7.72
CA ILE C 152 11.11 -23.95 -6.88
C ILE C 152 11.48 -24.12 -5.40
N GLY C 153 11.86 -25.35 -5.05
CA GLY C 153 12.23 -25.69 -3.68
C GLY C 153 13.45 -24.91 -3.21
N GLN C 154 14.41 -24.68 -4.11
CA GLN C 154 15.61 -23.93 -3.76
C GLN C 154 15.28 -22.47 -3.50
N VAL C 155 14.41 -21.88 -4.30
CA VAL C 155 13.96 -20.51 -4.05
C VAL C 155 13.22 -20.45 -2.72
N LEU C 156 12.38 -21.45 -2.49
CA LEU C 156 11.60 -21.53 -1.27
C LEU C 156 12.52 -21.54 -0.05
N LYS C 157 13.56 -22.36 -0.10
CA LYS C 157 14.54 -22.45 0.98
C LYS C 157 15.22 -21.12 1.20
N GLN C 158 15.58 -20.46 0.11
CA GLN C 158 16.28 -19.20 0.22
C GLN C 158 15.35 -18.11 0.76
N LYS C 159 14.14 -18.05 0.22
CA LYS C 159 13.23 -16.97 0.55
C LYS C 159 12.81 -17.05 2.02
N LEU C 160 12.66 -18.26 2.54
CA LEU C 160 12.20 -18.44 3.91
C LEU C 160 13.35 -18.61 4.92
N SER C 161 14.58 -18.49 4.43
CA SER C 161 15.77 -18.68 5.25
C SER C 161 15.70 -20.01 6.00
N ILE C 162 15.32 -21.07 5.29
CA ILE C 162 15.24 -22.40 5.88
C ILE C 162 16.65 -22.99 5.91
N PRO C 163 17.16 -23.35 7.09
CA PRO C 163 18.57 -23.78 7.13
C PRO C 163 18.76 -25.18 6.58
N ASP C 164 20.02 -25.52 6.36
CA ASP C 164 20.36 -26.85 5.86
C ASP C 164 20.12 -27.89 6.95
N THR C 165 19.93 -27.45 8.19
CA THR C 165 19.56 -28.37 9.26
C THR C 165 18.10 -28.87 9.13
N GLU C 166 17.37 -28.30 8.17
CA GLU C 166 15.97 -28.64 7.92
C GLU C 166 15.84 -29.36 6.58
N ILE C 167 15.07 -30.44 6.55
CA ILE C 167 14.89 -31.21 5.32
C ILE C 167 13.52 -30.92 4.71
N LEU C 168 13.53 -30.28 3.55
CA LEU C 168 12.30 -30.06 2.80
C LEU C 168 11.97 -31.29 1.99
N ARG C 169 10.69 -31.66 2.00
CA ARG C 169 10.20 -32.80 1.28
C ARG C 169 9.21 -32.36 0.20
N TYR C 170 9.43 -32.83 -1.03
CA TYR C 170 8.40 -32.69 -2.07
C TYR C 170 7.57 -33.97 -2.14
N GLU C 171 6.28 -33.82 -1.91
CA GLU C 171 5.36 -34.95 -1.85
C GLU C 171 4.34 -34.91 -2.98
N VAL C 172 4.20 -36.02 -3.70
CA VAL C 172 3.22 -36.10 -4.76
C VAL C 172 1.85 -36.27 -4.13
N HIS C 173 0.86 -35.49 -4.55
CA HIS C 173 -0.45 -35.55 -3.92
C HIS C 173 -1.07 -36.96 -4.02
N LYS C 174 -0.97 -37.57 -5.20
CA LYS C 174 -1.64 -38.83 -5.48
C LYS C 174 -1.13 -39.98 -4.61
N ASP C 175 0.19 -40.01 -4.39
CA ASP C 175 0.81 -41.02 -3.53
C ASP C 175 0.23 -40.99 -2.12
N SER C 176 0.10 -39.80 -1.55
CA SER C 176 -0.54 -39.64 -0.24
C SER C 176 -2.04 -39.77 -0.38
N SER C 177 -2.49 -40.97 -0.78
CA SER C 177 -3.89 -41.25 -1.08
C SER C 177 -4.88 -40.57 -0.13
N VAL C 184 4.34 -42.21 3.55
CA VAL C 184 4.43 -41.28 2.44
C VAL C 184 5.89 -40.93 2.13
N LYS C 185 6.54 -41.76 1.32
CA LYS C 185 7.92 -41.50 0.94
C LYS C 185 7.98 -40.31 -0.03
N PRO C 186 8.88 -39.35 0.22
CA PRO C 186 8.93 -38.19 -0.68
C PRO C 186 9.53 -38.52 -2.04
N ARG C 187 9.38 -37.61 -3.00
CA ARG C 187 9.97 -37.76 -4.33
C ARG C 187 11.24 -36.96 -4.46
N ILE C 188 11.30 -35.83 -3.78
CA ILE C 188 12.49 -34.99 -3.71
C ILE C 188 12.73 -34.54 -2.28
N CYS C 189 13.99 -34.53 -1.88
CA CYS C 189 14.39 -34.02 -0.58
C CYS C 189 15.38 -32.91 -0.81
N LEU C 190 15.29 -31.86 -0.01
CA LEU C 190 16.16 -30.71 -0.18
C LEU C 190 16.61 -30.17 1.18
N HIS D 3 3.52 -9.29 -19.63
CA HIS D 3 4.61 -10.26 -19.60
C HIS D 3 4.83 -10.76 -18.15
N MET D 4 6.08 -10.76 -17.67
CA MET D 4 6.39 -11.20 -16.32
C MET D 4 6.45 -10.02 -15.35
N ILE D 5 5.47 -9.96 -14.46
CA ILE D 5 5.36 -8.88 -13.50
C ILE D 5 5.82 -9.36 -12.13
N ARG D 6 6.96 -8.85 -11.68
CA ARG D 6 7.61 -9.30 -10.45
C ARG D 6 7.80 -8.18 -9.44
N TYR D 7 7.78 -8.56 -8.17
CA TYR D 7 8.02 -7.65 -7.05
C TYR D 7 8.87 -8.38 -6.03
N ASN D 8 10.09 -7.90 -5.79
CA ASN D 8 10.93 -8.56 -4.81
C ASN D 8 10.47 -8.17 -3.42
N ARG D 9 11.08 -8.80 -2.42
CA ARG D 9 10.67 -8.64 -1.04
C ARG D 9 10.74 -7.18 -0.55
N ASP D 10 11.84 -6.51 -0.88
CA ASP D 10 12.05 -5.13 -0.43
C ASP D 10 10.96 -4.21 -0.95
N THR D 11 10.56 -4.43 -2.20
CA THR D 11 9.49 -3.64 -2.80
C THR D 11 8.15 -3.87 -2.13
N LEU D 12 7.81 -5.13 -1.89
CA LEU D 12 6.54 -5.44 -1.21
C LEU D 12 6.55 -4.92 0.22
N MET D 13 7.66 -5.08 0.92
CA MET D 13 7.80 -4.62 2.30
C MET D 13 7.70 -3.10 2.43
N THR D 14 8.42 -2.41 1.56
CA THR D 14 8.37 -0.97 1.54
C THR D 14 6.95 -0.50 1.26
N ALA D 15 6.25 -1.20 0.38
CA ALA D 15 4.86 -0.86 0.11
C ALA D 15 3.99 -1.04 1.36
N ARG D 16 4.25 -2.08 2.16
CA ARG D 16 3.47 -2.27 3.38
C ARG D 16 3.81 -1.19 4.41
N ASP D 17 5.10 -0.88 4.55
CA ASP D 17 5.56 0.00 5.61
C ASP D 17 5.11 1.45 5.41
N THR D 18 4.99 1.85 4.15
CA THR D 18 4.60 3.20 3.80
C THR D 18 3.11 3.28 3.49
N LYS D 19 2.41 2.16 3.62
CA LYS D 19 0.98 2.09 3.34
C LYS D 19 0.20 2.89 4.38
N ARG D 20 -0.68 3.75 3.91
CA ARG D 20 -1.54 4.53 4.79
C ARG D 20 -3.03 4.36 4.43
N ALA D 21 -3.32 4.07 3.17
CA ALA D 21 -4.68 3.84 2.72
C ALA D 21 -5.39 2.79 3.58
N PRO D 22 -6.69 3.00 3.87
CA PRO D 22 -7.43 2.00 4.64
C PRO D 22 -7.94 0.86 3.76
N ILE D 23 -8.42 -0.21 4.38
CA ILE D 23 -8.96 -1.36 3.66
C ILE D 23 -10.13 -0.93 2.78
N PRO D 24 -10.23 -1.49 1.57
CA PRO D 24 -11.41 -1.15 0.76
C PRO D 24 -12.71 -1.64 1.40
N ASP D 25 -13.76 -0.82 1.31
CA ASP D 25 -15.04 -1.14 1.94
C ASP D 25 -15.57 -2.50 1.50
N GLU D 26 -15.48 -2.78 0.21
CA GLU D 26 -16.01 -4.02 -0.33
C GLU D 26 -15.26 -5.24 0.21
N MET D 27 -13.95 -5.10 0.39
CA MET D 27 -13.16 -6.18 0.98
C MET D 27 -13.55 -6.39 2.44
N LEU D 28 -13.65 -5.29 3.17
CA LEU D 28 -14.04 -5.34 4.58
C LEU D 28 -15.38 -6.02 4.76
N GLN D 29 -16.38 -5.59 4.00
CA GLN D 29 -17.70 -6.21 4.02
C GLN D 29 -17.62 -7.71 3.76
N GLU D 30 -16.86 -8.09 2.75
CA GLU D 30 -16.79 -9.49 2.38
C GLU D 30 -16.14 -10.35 3.47
N ILE D 31 -15.06 -9.86 4.08
CA ILE D 31 -14.45 -10.58 5.19
C ILE D 31 -15.49 -10.77 6.30
N ASN D 32 -16.16 -9.68 6.65
CA ASN D 32 -17.23 -9.73 7.67
C ASN D 32 -18.34 -10.72 7.31
N ARG D 33 -18.67 -10.81 6.04
CA ARG D 33 -19.73 -11.70 5.62
C ARG D 33 -19.36 -13.17 5.74
N VAL D 34 -18.15 -13.55 5.31
CA VAL D 34 -17.84 -14.99 5.26
C VAL D 34 -16.92 -15.45 6.41
N ALA D 35 -16.11 -14.55 6.96
CA ALA D 35 -15.15 -14.95 8.00
C ALA D 35 -14.98 -13.83 9.02
N PRO D 36 -16.09 -13.44 9.67
CA PRO D 36 -16.01 -12.28 10.57
C PRO D 36 -15.01 -12.51 11.70
N ASP D 37 -14.83 -13.78 12.05
CA ASP D 37 -13.99 -14.17 13.19
C ASP D 37 -12.47 -13.99 12.99
N ILE D 38 -12.02 -13.80 11.75
CA ILE D 38 -10.59 -13.60 11.49
C ILE D 38 -10.25 -12.13 11.28
N LEU D 39 -11.27 -11.28 11.23
CA LEU D 39 -11.08 -9.86 11.03
C LEU D 39 -10.41 -9.21 12.24
N ILE D 40 -9.41 -8.39 11.93
CA ILE D 40 -8.75 -7.56 12.92
C ILE D 40 -8.92 -6.12 12.46
N ALA D 41 -9.56 -5.29 13.27
CA ALA D 41 -9.71 -3.88 12.93
C ALA D 41 -8.34 -3.19 12.92
N THR E 5 -5.71 -16.83 -18.36
CA THR E 5 -5.49 -15.80 -19.36
C THR E 5 -5.80 -14.41 -18.79
N ARG E 6 -4.79 -13.78 -18.21
CA ARG E 6 -4.92 -12.43 -17.68
C ARG E 6 -3.74 -11.56 -18.13
N HIS E 7 -4.07 -10.45 -18.80
CA HIS E 7 -3.11 -9.41 -19.12
C HIS E 7 -3.46 -8.15 -18.34
N PRO E 8 -2.84 -7.95 -17.17
CA PRO E 8 -3.25 -6.78 -16.38
C PRO E 8 -2.82 -5.46 -17.01
N LEU E 9 -3.65 -4.44 -16.84
CA LEU E 9 -3.34 -3.10 -17.33
C LEU E 9 -2.57 -2.33 -16.27
N GLN E 10 -1.73 -1.39 -16.69
CA GLN E 10 -0.99 -0.59 -15.72
C GLN E 10 -1.98 0.14 -14.82
N ASN E 11 -3.05 0.64 -15.42
CA ASN E 11 -4.05 1.37 -14.67
C ASN E 11 -5.42 0.74 -14.72
N ARG E 12 -6.20 1.02 -13.68
CA ARG E 12 -7.60 0.68 -13.61
C ARG E 12 -8.39 1.86 -14.18
N TRP E 13 -9.28 1.56 -15.11
CA TRP E 13 -10.01 2.58 -15.89
C TRP E 13 -11.51 2.48 -15.68
N ALA E 14 -12.18 3.63 -15.67
CA ALA E 14 -13.63 3.71 -15.59
C ALA E 14 -14.18 4.24 -16.90
N LEU E 15 -15.13 3.53 -17.48
CA LEU E 15 -15.89 4.04 -18.62
C LEU E 15 -17.15 4.69 -18.12
N TRP E 16 -17.34 5.96 -18.51
CA TRP E 16 -18.52 6.72 -18.19
C TRP E 16 -19.34 7.02 -19.44
N TYR E 17 -20.66 7.10 -19.28
CA TYR E 17 -21.58 7.42 -20.36
C TYR E 17 -22.45 8.59 -19.94
N LEU E 18 -22.50 9.63 -20.78
CA LEU E 18 -23.43 10.72 -20.55
C LEU E 18 -24.62 10.56 -21.46
N LYS E 19 -25.74 10.17 -20.87
CA LYS E 19 -26.97 9.98 -21.63
C LYS E 19 -27.63 11.32 -21.89
N ALA E 20 -27.75 11.69 -23.16
CA ALA E 20 -28.37 12.96 -23.54
C ALA E 20 -29.80 13.03 -23.00
N ASP E 21 -30.11 14.07 -22.25
CA ASP E 21 -31.47 14.30 -21.77
C ASP E 21 -31.65 15.79 -21.62
N ARG E 22 -32.43 16.38 -22.53
CA ARG E 22 -32.47 17.83 -22.58
C ARG E 22 -33.07 18.44 -21.31
N ASN E 23 -33.74 17.64 -20.49
CA ASN E 23 -34.36 18.16 -19.24
C ASN E 23 -33.51 18.02 -17.98
N LYS E 24 -32.35 17.36 -18.09
CA LYS E 24 -31.53 17.08 -16.90
C LYS E 24 -30.16 17.72 -16.93
N GLU E 25 -29.67 18.05 -15.74
CA GLU E 25 -28.33 18.59 -15.61
C GLU E 25 -27.34 17.44 -15.84
N TRP E 26 -26.13 17.83 -16.24
CA TRP E 26 -25.06 16.90 -16.57
C TRP E 26 -24.91 15.80 -15.52
N GLU E 27 -24.90 16.20 -14.25
CA GLU E 27 -24.67 15.28 -13.13
C GLU E 27 -25.70 14.16 -13.12
N ASP E 28 -26.92 14.49 -13.49
CA ASP E 28 -28.00 13.52 -13.46
C ASP E 28 -28.06 12.66 -14.73
N CYS E 29 -27.22 13.00 -15.71
CA CYS E 29 -27.14 12.23 -16.96
C CYS E 29 -25.98 11.25 -16.98
N LEU E 30 -25.12 11.35 -15.98
CA LEU E 30 -23.82 10.67 -15.95
C LEU E 30 -23.87 9.27 -15.32
N LYS E 31 -23.49 8.28 -16.10
CA LYS E 31 -23.47 6.89 -15.64
C LYS E 31 -22.03 6.36 -15.61
N MET E 32 -21.62 5.75 -14.50
CA MET E 32 -20.38 4.97 -14.44
C MET E 32 -20.72 3.56 -14.92
N VAL E 33 -20.33 3.24 -16.14
CA VAL E 33 -20.75 2.01 -16.79
C VAL E 33 -19.99 0.79 -16.27
N SER E 34 -18.68 0.94 -16.11
CA SER E 34 -17.86 -0.22 -15.80
C SER E 34 -16.44 0.18 -15.52
N LEU E 35 -15.83 -0.48 -14.53
CA LEU E 35 -14.39 -0.40 -14.28
C LEU E 35 -13.73 -1.61 -14.91
N PHE E 36 -12.51 -1.47 -15.41
CA PHE E 36 -11.77 -2.62 -15.91
C PHE E 36 -10.27 -2.39 -15.72
N ASP E 37 -9.52 -3.48 -15.61
CA ASP E 37 -8.08 -3.41 -15.36
C ASP E 37 -7.30 -4.55 -16.02
N THR E 38 -7.93 -5.23 -16.97
CA THR E 38 -7.24 -6.20 -17.83
C THR E 38 -7.62 -5.96 -19.30
N VAL E 39 -6.76 -6.43 -20.19
CA VAL E 39 -7.01 -6.40 -21.63
C VAL E 39 -8.31 -7.14 -21.94
N GLU E 40 -8.48 -8.28 -21.28
CA GLU E 40 -9.65 -9.12 -21.51
C GLU E 40 -10.92 -8.38 -21.17
N ASP E 41 -10.95 -7.71 -20.04
CA ASP E 41 -12.15 -6.99 -19.64
C ASP E 41 -12.35 -5.72 -20.47
N PHE E 42 -11.26 -5.12 -20.93
CA PHE E 42 -11.35 -3.98 -21.85
C PHE E 42 -12.14 -4.39 -23.09
N TRP E 43 -11.74 -5.50 -23.72
CA TRP E 43 -12.37 -5.90 -24.96
C TRP E 43 -13.78 -6.42 -24.73
N SER E 44 -14.01 -7.10 -23.62
CA SER E 44 -15.38 -7.53 -23.26
C SER E 44 -16.33 -6.34 -23.20
N LEU E 45 -15.87 -5.25 -22.58
CA LEU E 45 -16.72 -4.07 -22.44
C LEU E 45 -16.97 -3.45 -23.80
N TYR E 46 -15.88 -3.13 -24.49
CA TYR E 46 -15.96 -2.50 -25.80
C TYR E 46 -16.77 -3.32 -26.81
N ASN E 47 -16.60 -4.64 -26.79
CA ASN E 47 -17.32 -5.51 -27.72
C ASN E 47 -18.83 -5.48 -27.48
N HIS E 48 -19.25 -5.13 -26.28
CA HIS E 48 -20.67 -5.25 -25.91
C HIS E 48 -21.45 -3.93 -25.82
N ILE E 49 -20.83 -2.79 -26.14
CA ILE E 49 -21.53 -1.51 -26.06
C ILE E 49 -21.45 -0.75 -27.38
N GLN E 50 -22.33 0.23 -27.55
CA GLN E 50 -22.32 1.06 -28.75
C GLN E 50 -20.95 1.70 -28.91
N SER E 51 -20.44 1.67 -30.14
CA SER E 51 -19.29 2.48 -30.47
C SER E 51 -19.68 3.95 -30.32
N ALA E 52 -18.70 4.84 -30.31
CA ALA E 52 -19.00 6.26 -30.21
C ALA E 52 -19.94 6.64 -31.36
N GLY E 53 -19.71 6.06 -32.53
CA GLY E 53 -20.51 6.36 -33.70
C GLY E 53 -21.94 5.86 -33.65
N GLY E 54 -22.25 5.02 -32.67
CA GLY E 54 -23.60 4.53 -32.49
C GLY E 54 -24.42 5.26 -31.43
N LEU E 55 -23.85 6.29 -30.80
CA LEU E 55 -24.59 7.08 -29.81
C LEU E 55 -25.42 8.20 -30.46
N ASN E 56 -26.50 8.57 -29.78
CA ASN E 56 -27.30 9.72 -30.16
C ASN E 56 -26.54 11.03 -29.99
N TRP E 57 -26.85 12.00 -30.84
CA TRP E 57 -26.36 13.35 -30.67
C TRP E 57 -26.58 13.80 -29.23
N GLY E 58 -25.59 14.48 -28.65
CA GLY E 58 -25.66 14.94 -27.28
C GLY E 58 -24.99 14.02 -26.27
N SER E 59 -24.77 12.76 -26.64
CA SER E 59 -24.17 11.80 -25.73
C SER E 59 -22.66 11.97 -25.63
N ASP E 60 -22.09 11.50 -24.51
CA ASP E 60 -20.63 11.44 -24.35
C ASP E 60 -20.22 10.05 -23.86
N TYR E 61 -18.99 9.66 -24.19
CA TYR E 61 -18.26 8.61 -23.48
C TYR E 61 -17.04 9.27 -22.84
N TYR E 62 -16.72 8.85 -21.61
CA TYR E 62 -15.48 9.27 -20.95
C TYR E 62 -14.74 8.02 -20.47
N LEU E 63 -13.43 8.00 -20.66
CA LEU E 63 -12.60 6.97 -20.06
C LEU E 63 -11.57 7.65 -19.20
N PHE E 64 -11.63 7.43 -17.89
CA PHE E 64 -10.74 8.08 -16.95
C PHE E 64 -10.22 7.07 -15.95
N LYS E 65 -9.02 7.31 -15.46
CA LYS E 65 -8.46 6.48 -14.39
C LYS E 65 -9.39 6.44 -13.20
N GLU E 66 -9.46 5.27 -12.58
CA GLU E 66 -10.21 5.09 -11.36
C GLU E 66 -9.88 6.22 -10.40
N GLY E 67 -10.91 6.86 -9.87
CA GLY E 67 -10.73 7.92 -8.89
C GLY E 67 -10.80 9.31 -9.48
N ILE E 68 -10.69 9.41 -10.80
CA ILE E 68 -10.78 10.72 -11.46
C ILE E 68 -12.21 10.87 -12.01
N LYS E 69 -12.91 11.88 -11.50
CA LYS E 69 -14.23 12.23 -12.01
C LYS E 69 -14.05 12.90 -13.35
N PRO E 70 -14.93 12.60 -14.32
CA PRO E 70 -14.74 13.08 -15.70
C PRO E 70 -15.23 14.52 -15.89
N MET E 71 -14.66 15.42 -15.10
CA MET E 71 -15.01 16.83 -15.11
C MET E 71 -13.76 17.63 -14.81
N TRP E 72 -13.63 18.80 -15.42
CA TRP E 72 -12.37 19.53 -15.35
C TRP E 72 -12.12 20.01 -13.90
N GLU E 73 -13.18 20.11 -13.12
CA GLU E 73 -13.08 20.61 -11.73
C GLU E 73 -12.41 19.58 -10.80
N ASP E 74 -12.40 18.31 -11.20
CA ASP E 74 -11.78 17.26 -10.38
C ASP E 74 -10.33 17.62 -10.08
N VAL E 75 -9.84 17.21 -8.89
CA VAL E 75 -8.52 17.68 -8.45
C VAL E 75 -7.42 17.23 -9.44
N ASN E 76 -7.62 16.11 -10.11
CA ASN E 76 -6.64 15.60 -11.05
C ASN E 76 -6.64 16.33 -12.40
N ASN E 77 -7.76 16.99 -12.72
CA ASN E 77 -7.91 17.71 -13.97
C ASN E 77 -7.77 19.21 -13.86
N VAL E 78 -8.02 19.76 -12.66
CA VAL E 78 -8.26 21.19 -12.56
C VAL E 78 -7.05 22.06 -12.96
N GLN E 79 -5.83 21.55 -12.81
CA GLN E 79 -4.65 22.27 -13.29
C GLN E 79 -4.14 21.72 -14.63
N GLY E 80 -4.98 20.92 -15.30
CA GLY E 80 -4.59 20.30 -16.55
C GLY E 80 -5.29 20.89 -17.76
N GLY E 81 -5.46 20.08 -18.81
CA GLY E 81 -6.03 20.60 -20.05
C GLY E 81 -6.25 19.44 -21.00
N ARG E 82 -6.60 19.74 -22.24
CA ARG E 82 -6.89 18.67 -23.18
C ARG E 82 -6.32 18.93 -24.55
N TRP E 83 -5.93 17.86 -25.22
CA TRP E 83 -5.74 17.89 -26.66
C TRP E 83 -7.09 17.67 -27.31
N LEU E 84 -7.51 18.59 -28.17
CA LEU E 84 -8.81 18.54 -28.81
C LEU E 84 -8.70 18.24 -30.31
N VAL E 85 -9.48 17.26 -30.75
CA VAL E 85 -9.66 16.94 -32.17
C VAL E 85 -11.11 17.13 -32.50
N VAL E 86 -11.41 17.89 -33.54
CA VAL E 86 -12.80 18.07 -33.98
C VAL E 86 -13.03 17.33 -35.29
N VAL E 87 -14.05 16.47 -35.30
CA VAL E 87 -14.38 15.66 -36.45
C VAL E 87 -15.59 16.27 -37.18
N ASP E 88 -15.32 17.10 -38.21
CA ASP E 88 -16.40 17.79 -38.91
C ASP E 88 -16.17 17.99 -40.41
N LYS E 89 -15.00 17.59 -40.90
CA LYS E 89 -14.69 17.73 -42.32
C LYS E 89 -15.45 16.69 -43.16
N GLN E 90 -15.38 15.44 -42.72
CA GLN E 90 -16.10 14.36 -43.37
C GLN E 90 -17.59 14.51 -43.07
N LYS E 91 -18.38 13.71 -43.78
CA LYS E 91 -19.83 13.82 -43.76
C LYS E 91 -20.42 12.46 -43.51
N LEU E 92 -21.60 12.43 -42.90
CA LEU E 92 -22.41 11.24 -42.78
C LEU E 92 -21.61 10.04 -42.31
N GLN E 93 -21.64 8.95 -43.08
CA GLN E 93 -21.06 7.70 -42.62
C GLN E 93 -19.53 7.74 -42.58
N ARG E 94 -18.93 8.55 -43.44
CA ARG E 94 -17.47 8.67 -43.46
C ARG E 94 -17.02 9.37 -42.20
N ARG E 95 -17.84 10.32 -41.76
CA ARG E 95 -17.57 11.00 -40.49
C ARG E 95 -17.71 10.00 -39.36
N THR E 96 -18.80 9.25 -39.36
CA THR E 96 -19.03 8.25 -38.31
C THR E 96 -17.86 7.26 -38.23
N GLN E 97 -17.39 6.80 -39.38
CA GLN E 97 -16.32 5.81 -39.42
C GLN E 97 -15.03 6.39 -38.86
N LEU E 98 -14.80 7.65 -39.16
CA LEU E 98 -13.57 8.30 -38.70
C LEU E 98 -13.64 8.51 -37.18
N LEU E 99 -14.80 8.95 -36.70
CA LEU E 99 -15.05 9.06 -35.26
C LEU E 99 -14.75 7.75 -34.53
N ASP E 100 -15.27 6.64 -35.04
CA ASP E 100 -15.06 5.37 -34.41
C ASP E 100 -13.60 4.92 -34.44
N HIS E 101 -12.90 5.26 -35.53
CA HIS E 101 -11.48 5.02 -35.64
C HIS E 101 -10.72 5.78 -34.55
N TYR E 102 -10.94 7.08 -34.47
CA TYR E 102 -10.28 7.91 -33.48
C TYR E 102 -10.54 7.39 -32.08
N TRP E 103 -11.78 7.08 -31.76
CA TRP E 103 -12.10 6.72 -30.37
C TRP E 103 -11.39 5.41 -30.00
N LEU E 104 -11.48 4.40 -30.85
CA LEU E 104 -10.91 3.12 -30.51
C LEU E 104 -9.37 3.19 -30.53
N GLU E 105 -8.81 3.95 -31.47
CA GLU E 105 -7.34 4.05 -31.50
C GLU E 105 -6.87 4.77 -30.24
N LEU E 106 -7.65 5.74 -29.78
CA LEU E 106 -7.26 6.49 -28.60
C LEU E 106 -7.38 5.61 -27.35
N LEU E 107 -8.49 4.90 -27.21
CA LEU E 107 -8.67 3.91 -26.14
C LEU E 107 -7.48 2.95 -26.07
N MET E 108 -7.14 2.33 -27.19
CA MET E 108 -6.04 1.39 -27.20
C MET E 108 -4.72 2.00 -26.79
N ALA E 109 -4.44 3.22 -27.26
CA ALA E 109 -3.19 3.90 -26.92
C ALA E 109 -3.13 4.18 -25.42
N ILE E 110 -4.28 4.56 -24.85
CA ILE E 110 -4.30 4.92 -23.44
C ILE E 110 -4.14 3.69 -22.57
N VAL E 111 -5.00 2.68 -22.76
CA VAL E 111 -4.98 1.54 -21.85
C VAL E 111 -3.71 0.71 -22.06
N GLY E 112 -3.17 0.76 -23.27
CA GLY E 112 -1.91 0.09 -23.58
C GLY E 112 -0.69 0.90 -23.19
N GLU E 113 -0.93 2.06 -22.55
CA GLU E 113 0.14 2.92 -22.03
C GLU E 113 1.18 3.24 -23.10
N GLN E 114 0.73 3.84 -24.21
CA GLN E 114 1.60 4.09 -25.35
C GLN E 114 2.13 5.51 -25.47
N PHE E 115 1.91 6.34 -24.46
CA PHE E 115 2.34 7.73 -24.55
C PHE E 115 3.75 7.89 -23.96
N ASP E 116 4.67 7.14 -24.55
CA ASP E 116 6.07 7.09 -24.12
C ASP E 116 6.19 6.92 -22.59
N GLU E 117 6.85 7.84 -21.91
CA GLU E 117 7.03 7.72 -20.46
C GLU E 117 6.16 8.72 -19.71
N TYR E 118 5.05 9.14 -20.32
CA TYR E 118 4.22 10.18 -19.71
C TYR E 118 2.83 9.70 -19.32
N GLY E 119 2.68 8.39 -19.16
CA GLY E 119 1.40 7.82 -18.79
C GLY E 119 0.85 8.37 -17.46
N ASP E 120 1.73 8.78 -16.55
CA ASP E 120 1.31 9.37 -15.28
C ASP E 120 0.58 10.68 -15.46
N TYR E 121 0.81 11.33 -16.60
CA TYR E 121 0.23 12.64 -16.88
C TYR E 121 -1.11 12.55 -17.63
N ILE E 122 -1.50 11.33 -18.00
CA ILE E 122 -2.78 11.09 -18.69
C ILE E 122 -3.89 10.95 -17.65
N CYS E 123 -4.97 11.72 -17.79
CA CYS E 123 -6.13 11.54 -16.93
C CYS E 123 -7.21 10.68 -17.59
N GLY E 124 -7.45 10.92 -18.88
CA GLY E 124 -8.42 10.15 -19.60
C GLY E 124 -8.75 10.74 -20.94
N ALA E 125 -9.86 10.27 -21.52
CA ALA E 125 -10.26 10.68 -22.86
C ALA E 125 -11.75 10.92 -22.87
N VAL E 126 -12.18 11.82 -23.74
CA VAL E 126 -13.59 12.20 -23.86
C VAL E 126 -13.98 12.20 -25.32
N VAL E 127 -15.14 11.60 -25.65
CA VAL E 127 -15.75 11.85 -26.94
C VAL E 127 -17.11 12.50 -26.71
N ASN E 128 -17.29 13.67 -27.32
CA ASN E 128 -18.57 14.35 -27.37
C ASN E 128 -19.21 14.14 -28.73
N VAL E 129 -20.32 13.42 -28.78
CA VAL E 129 -21.05 13.19 -30.02
C VAL E 129 -21.98 14.38 -30.23
N ARG E 130 -21.69 15.18 -31.25
CA ARG E 130 -22.42 16.42 -31.52
C ARG E 130 -22.70 16.59 -33.02
N GLN E 131 -23.95 16.95 -33.34
CA GLN E 131 -24.37 17.07 -34.72
C GLN E 131 -23.43 17.98 -35.53
N LYS E 132 -23.04 19.11 -34.96
CA LYS E 132 -22.22 20.10 -35.65
C LYS E 132 -20.76 19.65 -35.83
N GLY E 133 -20.34 18.67 -35.04
CA GLY E 133 -18.98 18.14 -35.13
C GLY E 133 -18.61 17.40 -33.87
N ASP E 134 -18.15 16.17 -34.00
CA ASP E 134 -17.80 15.37 -32.84
C ASP E 134 -16.46 15.83 -32.31
N LYS E 135 -16.29 15.73 -30.99
CA LYS E 135 -15.05 16.15 -30.36
C LYS E 135 -14.43 14.97 -29.65
N VAL E 136 -13.15 14.72 -29.95
CA VAL E 136 -12.39 13.69 -29.26
C VAL E 136 -11.23 14.37 -28.56
N SER E 137 -11.12 14.14 -27.26
CA SER E 137 -10.14 14.84 -26.45
C SER E 137 -9.35 13.89 -25.57
N LEU E 138 -8.06 14.20 -25.44
CA LEU E 138 -7.17 13.53 -24.51
C LEU E 138 -6.82 14.49 -23.38
N TRP E 139 -7.24 14.14 -22.16
CA TRP E 139 -7.07 15.00 -20.99
C TRP E 139 -5.80 14.66 -20.22
N THR E 140 -5.03 15.69 -19.89
CA THR E 140 -3.77 15.53 -19.17
C THR E 140 -3.77 16.36 -17.90
N ARG E 141 -2.87 16.01 -16.99
CA ARG E 141 -2.90 16.49 -15.63
C ARG E 141 -2.37 17.92 -15.45
N ASP E 142 -1.37 18.28 -16.23
CA ASP E 142 -0.58 19.49 -15.94
C ASP E 142 -0.39 20.37 -17.16
N ALA E 143 -1.16 21.45 -17.22
CA ALA E 143 -1.13 22.30 -18.40
C ALA E 143 0.15 23.12 -18.48
N THR E 144 0.97 23.05 -17.42
CA THR E 144 2.26 23.77 -17.31
C THR E 144 3.40 23.04 -18.03
N ARG E 145 3.23 21.73 -18.23
CA ARG E 145 4.31 20.91 -18.74
C ARG E 145 4.23 20.79 -20.25
N ASP E 146 4.76 21.80 -20.95
CA ASP E 146 4.72 21.84 -22.41
C ASP E 146 5.48 20.68 -23.02
N ASP E 147 6.55 20.26 -22.34
CA ASP E 147 7.33 19.11 -22.82
C ASP E 147 6.47 17.85 -22.85
N VAL E 148 5.74 17.63 -21.75
CA VAL E 148 4.89 16.45 -21.61
C VAL E 148 3.79 16.49 -22.67
N ASN E 149 3.09 17.61 -22.72
CA ASN E 149 1.90 17.72 -23.53
C ASN E 149 2.20 17.71 -25.02
N LEU E 150 3.33 18.30 -25.41
CA LEU E 150 3.72 18.29 -26.80
C LEU E 150 3.96 16.86 -27.27
N ARG E 151 4.65 16.07 -26.45
CA ARG E 151 4.97 14.71 -26.83
C ARG E 151 3.71 13.83 -26.87
N ILE E 152 2.83 14.06 -25.92
CA ILE E 152 1.55 13.35 -25.88
C ILE E 152 0.75 13.67 -27.14
N GLY E 153 0.76 14.95 -27.53
CA GLY E 153 0.09 15.38 -28.75
C GLY E 153 0.64 14.71 -29.98
N GLN E 154 1.96 14.58 -30.02
CA GLN E 154 2.64 13.99 -31.16
C GLN E 154 2.25 12.52 -31.30
N VAL E 155 2.22 11.82 -30.18
CA VAL E 155 1.84 10.41 -30.18
C VAL E 155 0.37 10.30 -30.58
N LEU E 156 -0.47 11.19 -30.06
CA LEU E 156 -1.88 11.24 -30.39
C LEU E 156 -2.09 11.38 -31.90
N LYS E 157 -1.44 12.37 -32.50
CA LYS E 157 -1.53 12.54 -33.96
C LYS E 157 -1.08 11.30 -34.71
N GLN E 158 0.02 10.69 -34.28
CA GLN E 158 0.53 9.51 -34.95
C GLN E 158 -0.42 8.32 -34.81
N LYS E 159 -0.90 8.07 -33.60
CA LYS E 159 -1.76 6.93 -33.34
C LYS E 159 -3.07 7.04 -34.11
N LEU E 160 -3.59 8.24 -34.21
CA LEU E 160 -4.88 8.46 -34.85
C LEU E 160 -4.76 8.81 -36.34
N SER E 161 -3.53 8.94 -36.83
CA SER E 161 -3.24 9.32 -38.22
C SER E 161 -3.93 10.64 -38.55
N ILE E 162 -3.77 11.63 -37.68
CA ILE E 162 -4.41 12.92 -37.88
C ILE E 162 -3.53 13.76 -38.80
N PRO E 163 -4.10 14.27 -39.92
CA PRO E 163 -3.24 15.00 -40.86
C PRO E 163 -2.83 16.38 -40.37
N ASP E 164 -1.75 16.91 -40.96
CA ASP E 164 -1.20 18.21 -40.59
C ASP E 164 -2.19 19.36 -40.77
N THR E 165 -3.13 19.20 -41.70
CA THR E 165 -4.07 20.27 -42.00
C THR E 165 -5.20 20.32 -40.97
N GLU E 166 -5.31 19.27 -40.18
CA GLU E 166 -6.20 19.24 -39.03
C GLU E 166 -5.38 19.57 -37.79
N ILE E 167 -5.46 20.82 -37.36
CA ILE E 167 -4.63 21.30 -36.27
C ILE E 167 -5.22 20.85 -34.94
N LEU E 168 -4.37 20.29 -34.09
CA LEU E 168 -4.76 19.92 -32.75
C LEU E 168 -4.50 21.08 -31.84
N ARG E 169 -5.45 21.31 -30.96
CA ARG E 169 -5.39 22.39 -30.01
C ARG E 169 -5.22 21.78 -28.63
N TYR E 170 -4.22 22.25 -27.89
CA TYR E 170 -4.17 21.98 -26.46
C TYR E 170 -4.76 23.17 -25.71
N GLU E 171 -5.89 22.92 -25.05
CA GLU E 171 -6.61 23.93 -24.30
C GLU E 171 -6.47 23.71 -22.81
N VAL E 172 -6.17 24.77 -22.08
CA VAL E 172 -6.13 24.69 -20.63
C VAL E 172 -7.55 24.77 -20.09
N HIS E 173 -7.92 23.87 -19.17
CA HIS E 173 -9.31 23.80 -18.70
C HIS E 173 -9.78 25.10 -18.02
N LYS E 174 -8.96 25.68 -17.17
CA LYS E 174 -9.36 26.90 -16.43
C LYS E 174 -9.75 28.07 -17.34
N ASP E 175 -8.96 28.32 -18.38
CA ASP E 175 -9.27 29.39 -19.32
C ASP E 175 -10.62 29.15 -19.97
N SER E 176 -10.87 27.91 -20.35
CA SER E 176 -12.14 27.50 -20.95
C SER E 176 -13.29 27.57 -19.95
N LYS E 185 -8.05 30.69 -27.11
CA LYS E 185 -6.62 30.84 -27.30
C LYS E 185 -5.86 29.61 -26.80
N PRO E 186 -5.58 28.65 -27.69
CA PRO E 186 -4.93 27.40 -27.25
C PRO E 186 -3.49 27.61 -26.79
N ARG E 187 -3.06 26.82 -25.81
CA ARG E 187 -1.69 26.90 -25.32
C ARG E 187 -0.70 26.35 -26.34
N ILE E 188 -1.05 25.21 -26.92
CA ILE E 188 -0.23 24.57 -27.96
C ILE E 188 -1.08 24.22 -29.16
N CYS E 189 -0.50 24.40 -30.35
CA CYS E 189 -1.11 23.90 -31.56
C CYS E 189 -0.18 22.90 -32.22
N LEU E 190 -0.76 21.90 -32.86
CA LEU E 190 0.02 20.85 -33.49
C LEU E 190 -0.63 20.42 -34.80
N PRO F 2 5.43 1.64 -9.58
CA PRO F 2 5.09 0.44 -10.37
C PRO F 2 5.92 0.34 -11.67
N HIS F 3 5.97 -0.87 -12.25
CA HIS F 3 6.59 -1.08 -13.56
C HIS F 3 5.80 -0.38 -14.66
N MET F 4 6.37 -0.29 -15.85
CA MET F 4 5.62 0.08 -17.05
C MET F 4 5.07 -1.17 -17.73
N ILE F 5 3.75 -1.31 -17.69
CA ILE F 5 3.06 -2.40 -18.36
C ILE F 5 2.38 -1.86 -19.63
N ARG F 6 2.91 -2.24 -20.78
CA ARG F 6 2.49 -1.71 -22.07
C ARG F 6 1.99 -2.81 -22.98
N TYR F 7 1.02 -2.46 -23.82
CA TYR F 7 0.49 -3.34 -24.84
C TYR F 7 0.35 -2.50 -26.09
N ASN F 8 1.09 -2.84 -27.14
CA ASN F 8 0.99 -2.06 -28.37
C ASN F 8 -0.27 -2.47 -29.13
N ARG F 9 -0.55 -1.72 -30.17
CA ARG F 9 -1.76 -1.92 -30.95
C ARG F 9 -1.93 -3.38 -31.41
N ASP F 10 -0.88 -3.96 -32.00
CA ASP F 10 -0.96 -5.32 -32.52
C ASP F 10 -1.31 -6.31 -31.44
N THR F 11 -0.69 -6.12 -30.26
CA THR F 11 -0.92 -7.01 -29.14
C THR F 11 -2.38 -6.92 -28.68
N LEU F 12 -2.92 -5.71 -28.56
CA LEU F 12 -4.30 -5.57 -28.11
C LEU F 12 -5.27 -6.16 -29.14
N MET F 13 -5.01 -5.91 -30.41
CA MET F 13 -5.95 -6.37 -31.44
C MET F 13 -5.89 -7.88 -31.61
N THR F 14 -4.70 -8.47 -31.44
CA THR F 14 -4.61 -9.92 -31.45
C THR F 14 -5.35 -10.49 -30.24
N ALA F 15 -5.25 -9.80 -29.11
CA ALA F 15 -5.94 -10.21 -27.89
C ALA F 15 -7.45 -10.19 -28.08
N ARG F 16 -7.95 -9.22 -28.84
CA ARG F 16 -9.37 -9.14 -29.14
C ARG F 16 -9.87 -10.38 -29.88
N ASP F 17 -9.11 -10.83 -30.86
CA ASP F 17 -9.49 -11.97 -31.70
C ASP F 17 -9.39 -13.30 -30.97
N THR F 18 -8.30 -13.48 -30.25
CA THR F 18 -8.02 -14.74 -29.59
C THR F 18 -8.67 -14.79 -28.21
N LYS F 19 -9.49 -13.78 -27.91
CA LYS F 19 -10.06 -13.64 -26.58
C LYS F 19 -10.93 -14.82 -26.23
N ARG F 20 -10.62 -15.43 -25.10
CA ARG F 20 -11.29 -16.65 -24.65
C ARG F 20 -12.21 -16.36 -23.46
N ALA F 21 -11.89 -15.32 -22.71
CA ALA F 21 -12.69 -14.93 -21.55
C ALA F 21 -14.09 -14.49 -21.98
N PRO F 22 -15.14 -14.98 -21.30
CA PRO F 22 -16.49 -14.47 -21.57
C PRO F 22 -16.70 -13.16 -20.85
N ILE F 23 -17.65 -12.34 -21.30
CA ILE F 23 -17.92 -11.10 -20.59
C ILE F 23 -18.37 -11.45 -19.17
N PRO F 24 -17.74 -10.84 -18.15
CA PRO F 24 -18.21 -11.12 -16.80
C PRO F 24 -19.68 -10.79 -16.64
N ASP F 25 -20.46 -11.70 -16.07
CA ASP F 25 -21.86 -11.45 -15.84
C ASP F 25 -22.02 -10.20 -14.97
N GLU F 26 -21.09 -10.00 -14.06
CA GLU F 26 -21.06 -8.83 -13.19
C GLU F 26 -21.01 -7.53 -14.02
N MET F 27 -20.30 -7.57 -15.12
CA MET F 27 -20.16 -6.39 -15.99
C MET F 27 -21.45 -6.21 -16.79
N LEU F 28 -21.97 -7.32 -17.30
CA LEU F 28 -23.20 -7.32 -18.09
C LEU F 28 -24.37 -6.80 -17.27
N GLN F 29 -24.57 -7.35 -16.09
CA GLN F 29 -25.63 -6.92 -15.18
C GLN F 29 -25.49 -5.45 -14.81
N GLU F 30 -24.26 -5.00 -14.61
CA GLU F 30 -24.00 -3.60 -14.28
C GLU F 30 -24.36 -2.64 -15.44
N ILE F 31 -24.02 -3.02 -16.68
CA ILE F 31 -24.36 -2.20 -17.84
C ILE F 31 -25.88 -2.14 -17.98
N ASN F 32 -26.51 -3.31 -17.87
CA ASN F 32 -27.97 -3.41 -17.93
C ASN F 32 -28.63 -2.51 -16.92
N ARG F 33 -27.98 -2.32 -15.77
CA ARG F 33 -28.55 -1.54 -14.69
C ARG F 33 -28.47 -0.02 -14.88
N VAL F 34 -27.34 0.48 -15.39
CA VAL F 34 -27.13 1.92 -15.43
C VAL F 34 -27.18 2.49 -16.85
N ALA F 35 -26.99 1.64 -17.86
CA ALA F 35 -27.02 2.10 -19.25
C ALA F 35 -27.48 0.99 -20.18
N PRO F 36 -28.73 0.53 -19.99
CA PRO F 36 -29.21 -0.59 -20.81
C PRO F 36 -29.21 -0.20 -22.28
N ASP F 37 -29.39 1.09 -22.54
CA ASP F 37 -29.55 1.56 -23.90
C ASP F 37 -28.26 1.49 -24.75
N ILE F 38 -27.08 1.40 -24.13
CA ILE F 38 -25.84 1.29 -24.92
C ILE F 38 -25.46 -0.18 -25.14
N LEU F 39 -26.12 -1.09 -24.46
CA LEU F 39 -25.80 -2.49 -24.64
C LEU F 39 -26.21 -2.87 -26.07
N ILE F 40 -25.41 -3.70 -26.70
CA ILE F 40 -25.74 -4.16 -28.05
C ILE F 40 -26.63 -5.41 -27.99
#